data_2DJ8
#
_entry.id   2DJ8
#
loop_
_entity.id
_entity.type
_entity.pdbx_description
1 polymer 'Protein CBFA2T1'
2 non-polymer 'ZINC ION'
#
_entity_poly.entity_id   1
_entity_poly.type   'polypeptide(L)'
_entity_poly.pdbx_seq_one_letter_code
;GSSGSSGINQQEDSSESCWNCGRKASETCSGCNTARYCGSFCQHKDWEKHHHICSGPSSG
;
_entity_poly.pdbx_strand_id   A
#
loop_
_chem_comp.id
_chem_comp.type
_chem_comp.name
_chem_comp.formula
ZN non-polymer 'ZINC ION' 'Zn 2'
#
# COMPACT_ATOMS: atom_id res chain seq x y z
N GLY A 1 -27.99 34.99 -23.85
CA GLY A 1 -26.96 34.73 -22.86
C GLY A 1 -26.62 33.26 -22.77
N SER A 2 -25.42 32.96 -22.28
CA SER A 2 -24.97 31.58 -22.14
C SER A 2 -24.26 31.38 -20.80
N SER A 3 -24.45 30.20 -20.21
CA SER A 3 -23.82 29.88 -18.93
C SER A 3 -24.11 28.43 -18.54
N GLY A 4 -23.11 27.79 -17.95
CA GLY A 4 -23.26 26.40 -17.54
C GLY A 4 -21.94 25.75 -17.18
N SER A 5 -21.31 26.21 -16.11
CA SER A 5 -20.04 25.68 -15.68
C SER A 5 -20.21 24.29 -15.06
N SER A 6 -20.32 23.28 -15.92
CA SER A 6 -20.50 21.90 -15.45
C SER A 6 -19.27 21.06 -15.79
N GLY A 7 -18.73 20.39 -14.78
CA GLY A 7 -17.56 19.54 -14.98
C GLY A 7 -16.83 19.24 -13.68
N ILE A 8 -17.39 18.34 -12.89
CA ILE A 8 -16.78 17.95 -11.62
C ILE A 8 -16.64 16.44 -11.51
N ASN A 9 -15.40 15.98 -11.41
CA ASN A 9 -15.13 14.55 -11.29
C ASN A 9 -14.84 14.17 -9.84
N GLN A 10 -15.65 13.27 -9.29
CA GLN A 10 -15.48 12.82 -7.92
C GLN A 10 -14.29 11.89 -7.79
N GLN A 11 -13.43 12.15 -6.81
CA GLN A 11 -12.25 11.33 -6.58
C GLN A 11 -12.63 9.91 -6.19
N GLU A 12 -12.00 8.92 -6.82
CA GLU A 12 -12.28 7.53 -6.52
C GLU A 12 -11.08 6.65 -6.87
N ASP A 13 -10.46 6.08 -5.84
CA ASP A 13 -9.29 5.21 -6.04
C ASP A 13 -9.00 4.42 -4.77
N SER A 14 -9.30 3.12 -4.81
CA SER A 14 -9.08 2.24 -3.67
C SER A 14 -7.69 2.46 -3.09
N SER A 15 -7.59 2.44 -1.76
CA SER A 15 -6.32 2.64 -1.08
C SER A 15 -5.66 1.30 -0.75
N GLU A 16 -5.65 0.40 -1.73
CA GLU A 16 -5.06 -0.92 -1.54
C GLU A 16 -4.12 -1.27 -2.70
N SER A 17 -2.84 -0.98 -2.52
CA SER A 17 -1.84 -1.25 -3.56
C SER A 17 -0.54 -1.74 -2.93
N CYS A 18 -0.04 -2.86 -3.45
CA CYS A 18 1.20 -3.45 -2.94
C CYS A 18 2.35 -2.46 -3.08
N TRP A 19 2.95 -2.09 -1.95
CA TRP A 19 4.06 -1.15 -1.94
C TRP A 19 5.19 -1.64 -2.83
N ASN A 20 5.53 -2.92 -2.71
CA ASN A 20 6.58 -3.52 -3.52
C ASN A 20 6.27 -3.41 -5.00
N CYS A 21 5.33 -4.24 -5.46
CA CYS A 21 4.94 -4.24 -6.87
C CYS A 21 4.16 -2.98 -7.21
N GLY A 22 2.92 -2.89 -6.72
CA GLY A 22 2.09 -1.75 -6.98
C GLY A 22 0.79 -2.11 -7.65
N ARG A 23 0.78 -3.25 -8.34
CA ARG A 23 -0.42 -3.72 -9.04
C ARG A 23 -1.61 -3.80 -8.09
N LYS A 24 -1.56 -4.75 -7.17
CA LYS A 24 -2.63 -4.93 -6.20
C LYS A 24 -2.10 -5.55 -4.91
N ALA A 25 -2.67 -5.15 -3.79
CA ALA A 25 -2.25 -5.67 -2.48
C ALA A 25 -3.36 -6.51 -1.85
N SER A 26 -2.98 -7.67 -1.33
CA SER A 26 -3.94 -8.58 -0.70
C SER A 26 -3.72 -8.65 0.80
N GLU A 27 -2.45 -8.59 1.20
CA GLU A 27 -2.09 -8.65 2.62
C GLU A 27 -1.62 -7.29 3.12
N THR A 28 -1.19 -7.25 4.38
CA THR A 28 -0.71 -6.01 4.98
C THR A 28 0.27 -6.28 6.12
N CYS A 29 1.28 -5.45 6.23
CA CYS A 29 2.29 -5.60 7.28
C CYS A 29 1.64 -5.89 8.62
N SER A 30 1.97 -7.04 9.20
CA SER A 30 1.41 -7.43 10.49
C SER A 30 2.18 -6.79 11.63
N GLY A 31 2.72 -5.60 11.39
CA GLY A 31 3.47 -4.90 12.41
C GLY A 31 3.00 -3.49 12.62
N CYS A 32 2.64 -2.82 11.53
CA CYS A 32 2.17 -1.45 11.59
C CYS A 32 0.81 -1.30 10.91
N ASN A 33 0.47 -2.27 10.06
CA ASN A 33 -0.79 -2.26 9.34
C ASN A 33 -0.87 -1.06 8.40
N THR A 34 0.27 -0.70 7.82
CA THR A 34 0.34 0.42 6.89
C THR A 34 0.86 -0.02 5.52
N ALA A 35 1.91 -0.84 5.54
CA ALA A 35 2.50 -1.33 4.29
C ALA A 35 1.65 -2.43 3.68
N ARG A 36 1.20 -2.21 2.45
CA ARG A 36 0.38 -3.19 1.74
C ARG A 36 1.23 -4.09 0.85
N TYR A 37 0.78 -5.33 0.66
CA TYR A 37 1.50 -6.28 -0.16
C TYR A 37 0.53 -7.21 -0.88
N CYS A 38 0.95 -7.70 -2.05
CA CYS A 38 0.12 -8.61 -2.84
C CYS A 38 0.09 -10.01 -2.22
N GLY A 39 0.83 -10.17 -1.12
CA GLY A 39 0.86 -11.46 -0.45
C GLY A 39 2.02 -11.56 0.53
N SER A 40 1.82 -12.30 1.61
CA SER A 40 2.85 -12.48 2.63
C SER A 40 4.23 -12.60 1.98
N PHE A 41 4.32 -13.46 0.96
CA PHE A 41 5.58 -13.68 0.25
C PHE A 41 6.24 -12.34 -0.09
N CYS A 42 5.47 -11.44 -0.66
CA CYS A 42 5.98 -10.12 -1.04
C CYS A 42 6.34 -9.29 0.19
N GLN A 43 5.69 -9.61 1.31
CA GLN A 43 5.94 -8.89 2.56
C GLN A 43 7.28 -9.31 3.17
N HIS A 44 7.48 -10.62 3.28
CA HIS A 44 8.71 -11.16 3.85
C HIS A 44 9.93 -10.59 3.13
N LYS A 45 9.85 -10.51 1.81
CA LYS A 45 10.94 -9.99 1.00
C LYS A 45 11.06 -8.47 1.15
N ASP A 46 9.92 -7.81 1.24
CA ASP A 46 9.89 -6.36 1.39
C ASP A 46 9.76 -5.96 2.86
N TRP A 47 9.98 -6.93 3.74
CA TRP A 47 9.89 -6.70 5.18
C TRP A 47 11.22 -6.20 5.73
N GLU A 48 12.23 -7.07 5.71
CA GLU A 48 13.55 -6.71 6.21
C GLU A 48 13.94 -5.30 5.80
N LYS A 49 13.33 -4.83 4.71
CA LYS A 49 13.60 -3.49 4.20
C LYS A 49 12.59 -2.48 4.74
N HIS A 50 11.32 -2.88 4.78
CA HIS A 50 10.26 -2.01 5.27
C HIS A 50 10.38 -1.81 6.78
N HIS A 51 10.49 -2.92 7.51
CA HIS A 51 10.61 -2.86 8.97
C HIS A 51 11.58 -1.77 9.39
N HIS A 52 12.46 -1.38 8.47
CA HIS A 52 13.45 -0.35 8.75
C HIS A 52 12.77 0.99 9.04
N ILE A 53 11.45 1.02 8.91
CA ILE A 53 10.69 2.23 9.16
C ILE A 53 9.63 2.00 10.24
N CYS A 54 9.12 0.78 10.31
CA CYS A 54 8.11 0.43 11.30
C CYS A 54 8.69 -0.48 12.37
N SER A 55 8.01 -0.57 13.50
CA SER A 55 8.45 -1.40 14.61
C SER A 55 8.39 -2.88 14.23
N GLY A 56 7.18 -3.38 14.02
CA GLY A 56 7.00 -4.78 13.65
C GLY A 56 6.31 -5.57 14.75
N PRO A 57 5.80 -6.77 14.37
CA PRO A 57 5.11 -7.65 15.31
C PRO A 57 6.06 -8.26 16.34
N SER A 58 7.29 -8.54 15.93
CA SER A 58 8.28 -9.12 16.81
C SER A 58 9.64 -8.45 16.63
N SER A 59 10.37 -8.31 17.73
CA SER A 59 11.69 -7.68 17.69
C SER A 59 12.79 -8.72 17.78
N GLY A 60 13.31 -9.13 16.63
CA GLY A 60 14.36 -10.13 16.61
C GLY A 60 15.06 -10.20 15.26
ZN ZN B . 3.86 -7.29 -4.30
ZN ZN C . 5.27 -2.37 8.83
N GLY A 1 -18.49 28.27 -29.86
CA GLY A 1 -18.62 27.47 -28.65
C GLY A 1 -17.39 26.63 -28.37
N SER A 2 -17.60 25.44 -27.84
CA SER A 2 -16.50 24.54 -27.51
C SER A 2 -16.60 23.25 -28.31
N SER A 3 -15.44 22.71 -28.70
CA SER A 3 -15.40 21.48 -29.47
C SER A 3 -15.03 20.29 -28.58
N GLY A 4 -15.62 20.25 -27.39
CA GLY A 4 -15.34 19.17 -26.46
C GLY A 4 -13.89 18.72 -26.51
N SER A 5 -13.05 19.36 -25.72
CA SER A 5 -11.63 19.02 -25.68
C SER A 5 -11.22 18.56 -24.29
N SER A 6 -11.00 17.27 -24.13
CA SER A 6 -10.61 16.70 -22.84
C SER A 6 -9.97 15.33 -23.02
N GLY A 7 -9.14 14.93 -22.06
CA GLY A 7 -8.48 13.65 -22.13
C GLY A 7 -7.65 13.35 -20.89
N ILE A 8 -8.32 13.04 -19.80
CA ILE A 8 -7.65 12.73 -18.54
C ILE A 8 -8.36 11.61 -17.78
N ASN A 9 -7.58 10.81 -17.05
CA ASN A 9 -8.14 9.72 -16.28
C ASN A 9 -9.28 10.20 -15.39
N GLN A 10 -10.08 9.25 -14.91
CA GLN A 10 -11.21 9.58 -14.04
C GLN A 10 -11.13 8.81 -12.72
N GLN A 11 -10.65 7.58 -12.80
CA GLN A 11 -10.51 6.73 -11.61
C GLN A 11 -9.06 6.44 -11.30
N GLU A 12 -8.44 7.32 -10.52
CA GLU A 12 -7.03 7.15 -10.15
C GLU A 12 -6.85 7.22 -8.64
N ASP A 13 -6.97 6.07 -7.98
CA ASP A 13 -6.81 6.00 -6.53
C ASP A 13 -5.90 4.85 -6.13
N SER A 14 -4.78 5.17 -5.53
CA SER A 14 -3.81 4.17 -5.09
C SER A 14 -3.76 4.07 -3.58
N SER A 15 -4.52 3.13 -3.02
CA SER A 15 -4.56 2.94 -1.58
C SER A 15 -4.32 1.47 -1.21
N GLU A 16 -5.03 0.58 -1.90
CA GLU A 16 -4.89 -0.85 -1.65
C GLU A 16 -3.96 -1.50 -2.68
N SER A 17 -2.88 -0.80 -3.00
CA SER A 17 -1.91 -1.30 -3.98
C SER A 17 -0.64 -1.77 -3.27
N CYS A 18 -0.10 -2.90 -3.75
CA CYS A 18 1.11 -3.46 -3.17
C CYS A 18 2.26 -2.46 -3.26
N TRP A 19 2.82 -2.11 -2.11
CA TRP A 19 3.94 -1.17 -2.05
C TRP A 19 5.10 -1.64 -2.92
N ASN A 20 5.41 -2.94 -2.82
CA ASN A 20 6.50 -3.52 -3.60
C ASN A 20 6.22 -3.43 -5.09
N CYS A 21 5.30 -4.27 -5.57
CA CYS A 21 4.94 -4.29 -6.97
C CYS A 21 4.17 -3.03 -7.36
N GLY A 22 2.93 -2.95 -6.89
CA GLY A 22 2.10 -1.79 -7.18
C GLY A 22 0.79 -2.15 -7.84
N ARG A 23 0.75 -3.35 -8.44
CA ARG A 23 -0.46 -3.82 -9.11
C ARG A 23 -1.63 -3.87 -8.13
N LYS A 24 -1.55 -4.77 -7.16
CA LYS A 24 -2.62 -4.92 -6.17
C LYS A 24 -2.06 -5.50 -4.88
N ALA A 25 -2.71 -5.19 -3.76
CA ALA A 25 -2.29 -5.69 -2.45
C ALA A 25 -3.43 -6.42 -1.75
N SER A 26 -3.13 -7.61 -1.24
CA SER A 26 -4.12 -8.41 -0.55
C SER A 26 -3.81 -8.51 0.94
N GLU A 27 -2.52 -8.54 1.27
CA GLU A 27 -2.08 -8.63 2.66
C GLU A 27 -1.60 -7.26 3.16
N THR A 28 -1.18 -7.23 4.42
CA THR A 28 -0.70 -6.00 5.04
C THR A 28 0.27 -6.29 6.17
N CYS A 29 1.29 -5.45 6.30
CA CYS A 29 2.29 -5.62 7.35
C CYS A 29 1.63 -5.88 8.70
N SER A 30 1.93 -7.04 9.28
CA SER A 30 1.35 -7.41 10.57
C SER A 30 2.14 -6.78 11.72
N GLY A 31 2.69 -5.59 11.47
CA GLY A 31 3.44 -4.90 12.48
C GLY A 31 2.98 -3.46 12.68
N CYS A 32 2.64 -2.81 11.58
CA CYS A 32 2.18 -1.42 11.64
C CYS A 32 0.83 -1.27 10.95
N ASN A 33 0.48 -2.25 10.11
CA ASN A 33 -0.78 -2.22 9.38
C ASN A 33 -0.85 -1.02 8.45
N THR A 34 0.30 -0.65 7.89
CA THR A 34 0.38 0.48 6.97
C THR A 34 0.86 0.04 5.60
N ALA A 35 1.90 -0.78 5.57
CA ALA A 35 2.47 -1.28 4.32
C ALA A 35 1.62 -2.42 3.76
N ARG A 36 1.22 -2.28 2.50
CA ARG A 36 0.41 -3.30 1.85
C ARG A 36 1.27 -4.19 0.95
N TYR A 37 0.78 -5.40 0.68
CA TYR A 37 1.51 -6.35 -0.16
C TYR A 37 0.55 -7.31 -0.85
N CYS A 38 0.91 -7.74 -2.05
CA CYS A 38 0.08 -8.65 -2.82
C CYS A 38 0.06 -10.03 -2.17
N GLY A 39 0.83 -10.19 -1.09
CA GLY A 39 0.88 -11.45 -0.39
C GLY A 39 2.08 -11.56 0.53
N SER A 40 1.92 -12.26 1.64
CA SER A 40 2.99 -12.43 2.61
C SER A 40 4.33 -12.56 1.92
N PHE A 41 4.40 -13.46 0.93
CA PHE A 41 5.63 -13.67 0.17
C PHE A 41 6.29 -12.34 -0.21
N CYS A 42 5.47 -11.41 -0.68
CA CYS A 42 5.96 -10.10 -1.09
C CYS A 42 6.31 -9.25 0.13
N GLN A 43 5.69 -9.57 1.26
CA GLN A 43 5.94 -8.83 2.50
C GLN A 43 7.27 -9.23 3.12
N HIS A 44 7.51 -10.55 3.19
CA HIS A 44 8.74 -11.06 3.77
C HIS A 44 9.96 -10.45 3.08
N LYS A 45 9.96 -10.48 1.75
CA LYS A 45 11.06 -9.93 0.98
C LYS A 45 11.13 -8.41 1.13
N ASP A 46 9.97 -7.77 1.24
CA ASP A 46 9.90 -6.33 1.40
C ASP A 46 9.77 -5.95 2.87
N TRP A 47 10.00 -6.92 3.75
CA TRP A 47 9.91 -6.68 5.19
C TRP A 47 11.23 -6.20 5.75
N GLU A 48 12.24 -7.08 5.73
CA GLU A 48 13.56 -6.74 6.24
C GLU A 48 13.95 -5.32 5.85
N LYS A 49 13.36 -4.83 4.77
CA LYS A 49 13.64 -3.48 4.28
C LYS A 49 12.63 -2.49 4.82
N HIS A 50 11.36 -2.90 4.85
CA HIS A 50 10.29 -2.03 5.35
C HIS A 50 10.41 -1.84 6.85
N HIS A 51 10.52 -2.95 7.59
CA HIS A 51 10.64 -2.89 9.03
C HIS A 51 11.61 -1.81 9.46
N HIS A 52 12.49 -1.41 8.55
CA HIS A 52 13.48 -0.38 8.83
C HIS A 52 12.80 0.95 9.14
N ILE A 53 11.48 0.98 9.01
CA ILE A 53 10.71 2.19 9.27
C ILE A 53 9.66 1.95 10.35
N CYS A 54 9.15 0.73 10.41
CA CYS A 54 8.14 0.37 11.39
C CYS A 54 8.72 -0.56 12.46
N SER A 55 8.05 -0.63 13.60
CA SER A 55 8.50 -1.47 14.70
C SER A 55 8.41 -2.96 14.32
N GLY A 56 7.19 -3.42 14.06
CA GLY A 56 6.98 -4.80 13.69
C GLY A 56 6.28 -5.60 14.78
N PRO A 57 5.77 -6.78 14.42
CA PRO A 57 5.07 -7.66 15.36
C PRO A 57 6.02 -8.27 16.41
N SER A 58 5.44 -8.97 17.38
CA SER A 58 6.22 -9.59 18.44
C SER A 58 6.85 -10.89 17.95
N SER A 59 7.46 -10.84 16.77
CA SER A 59 8.08 -12.03 16.18
C SER A 59 9.11 -12.62 17.14
N GLY A 60 9.97 -11.77 17.68
CA GLY A 60 10.99 -12.22 18.61
C GLY A 60 12.33 -11.55 18.39
ZN ZN B . 3.81 -7.35 -4.38
ZN ZN C . 5.29 -2.41 8.91
N GLY A 1 -15.58 26.61 -32.00
CA GLY A 1 -14.56 27.48 -32.54
C GLY A 1 -13.52 26.73 -33.35
N SER A 2 -12.51 27.45 -33.82
CA SER A 2 -11.45 26.83 -34.62
C SER A 2 -10.37 26.24 -33.72
N SER A 3 -9.97 27.00 -32.70
CA SER A 3 -8.94 26.56 -31.77
C SER A 3 -9.47 26.57 -30.34
N GLY A 4 -8.99 25.63 -29.53
CA GLY A 4 -9.41 25.54 -28.15
C GLY A 4 -9.07 24.21 -27.51
N SER A 5 -9.22 24.13 -26.19
CA SER A 5 -8.91 22.90 -25.47
C SER A 5 -9.77 22.78 -24.22
N SER A 6 -10.08 21.55 -23.83
CA SER A 6 -10.90 21.29 -22.65
C SER A 6 -10.04 20.79 -21.48
N GLY A 7 -9.25 19.76 -21.74
CA GLY A 7 -8.40 19.21 -20.71
C GLY A 7 -8.96 17.94 -20.11
N ILE A 8 -8.19 16.86 -20.15
CA ILE A 8 -8.63 15.58 -19.61
C ILE A 8 -8.10 15.38 -18.19
N ASN A 9 -9.02 15.24 -17.24
CA ASN A 9 -8.64 15.03 -15.85
C ASN A 9 -8.67 13.56 -15.48
N GLN A 10 -7.55 12.88 -15.69
CA GLN A 10 -7.45 11.45 -15.38
C GLN A 10 -7.82 11.19 -13.93
N GLN A 11 -8.82 10.34 -13.71
CA GLN A 11 -9.26 10.00 -12.36
C GLN A 11 -8.27 9.07 -11.68
N GLU A 12 -7.97 9.35 -10.42
CA GLU A 12 -7.03 8.53 -9.66
C GLU A 12 -7.35 8.58 -8.17
N ASP A 13 -7.73 7.44 -7.62
CA ASP A 13 -8.06 7.34 -6.19
C ASP A 13 -8.27 5.89 -5.78
N SER A 14 -7.38 5.38 -4.95
CA SER A 14 -7.47 4.00 -4.48
C SER A 14 -6.72 3.83 -3.16
N SER A 15 -7.36 3.15 -2.21
CA SER A 15 -6.75 2.92 -0.90
C SER A 15 -6.28 1.47 -0.77
N GLU A 16 -5.62 0.98 -1.80
CA GLU A 16 -5.12 -0.40 -1.80
C GLU A 16 -4.18 -0.63 -2.98
N SER A 17 -2.92 -0.93 -2.68
CA SER A 17 -1.93 -1.18 -3.71
C SER A 17 -0.62 -1.67 -3.10
N CYS A 18 -0.14 -2.81 -3.58
CA CYS A 18 1.10 -3.39 -3.08
C CYS A 18 2.25 -2.40 -3.19
N TRP A 19 2.89 -2.10 -2.07
CA TRP A 19 4.01 -1.16 -2.04
C TRP A 19 5.14 -1.64 -2.96
N ASN A 20 5.40 -2.93 -2.92
CA ASN A 20 6.46 -3.52 -3.74
C ASN A 20 6.11 -3.43 -5.23
N CYS A 21 5.20 -4.28 -5.67
CA CYS A 21 4.78 -4.31 -7.07
C CYS A 21 4.01 -3.03 -7.42
N GLY A 22 2.80 -2.92 -6.88
CA GLY A 22 1.97 -1.75 -7.15
C GLY A 22 0.64 -2.11 -7.77
N ARG A 23 0.60 -3.23 -8.49
CA ARG A 23 -0.62 -3.67 -9.14
C ARG A 23 -1.78 -3.75 -8.14
N LYS A 24 -1.69 -4.69 -7.21
CA LYS A 24 -2.73 -4.86 -6.19
C LYS A 24 -2.14 -5.46 -4.91
N ALA A 25 -2.76 -5.15 -3.78
CA ALA A 25 -2.31 -5.66 -2.50
C ALA A 25 -3.39 -6.51 -1.83
N SER A 26 -2.99 -7.66 -1.31
CA SER A 26 -3.93 -8.57 -0.65
C SER A 26 -3.64 -8.66 0.84
N GLU A 27 -2.36 -8.60 1.19
CA GLU A 27 -1.94 -8.68 2.59
C GLU A 27 -1.46 -7.32 3.09
N THR A 28 -0.95 -7.29 4.31
CA THR A 28 -0.47 -6.06 4.92
C THR A 28 0.49 -6.35 6.07
N CYS A 29 1.52 -5.53 6.19
CA CYS A 29 2.52 -5.71 7.24
C CYS A 29 1.84 -6.02 8.58
N SER A 30 2.18 -7.17 9.15
CA SER A 30 1.59 -7.59 10.42
C SER A 30 2.33 -6.94 11.58
N GLY A 31 2.82 -5.73 11.37
CA GLY A 31 3.53 -5.01 12.41
C GLY A 31 3.00 -3.61 12.62
N CYS A 32 2.70 -2.92 11.52
CA CYS A 32 2.19 -1.56 11.60
C CYS A 32 0.87 -1.43 10.83
N ASN A 33 0.56 -2.45 10.03
CA ASN A 33 -0.67 -2.46 9.25
C ASN A 33 -0.75 -1.24 8.34
N THR A 34 0.41 -0.82 7.83
CA THR A 34 0.48 0.34 6.94
C THR A 34 0.97 -0.07 5.56
N ALA A 35 2.03 -0.87 5.52
CA ALA A 35 2.59 -1.33 4.25
C ALA A 35 1.75 -2.43 3.65
N ARG A 36 1.27 -2.20 2.43
CA ARG A 36 0.43 -3.18 1.73
C ARG A 36 1.29 -4.09 0.86
N TYR A 37 0.78 -5.29 0.58
CA TYR A 37 1.50 -6.25 -0.25
C TYR A 37 0.52 -7.18 -0.95
N CYS A 38 0.92 -7.66 -2.12
CA CYS A 38 0.09 -8.58 -2.90
C CYS A 38 0.09 -9.97 -2.28
N GLY A 39 0.78 -10.12 -1.16
CA GLY A 39 0.85 -11.41 -0.48
C GLY A 39 1.93 -11.45 0.57
N SER A 40 1.73 -12.29 1.58
CA SER A 40 2.69 -12.42 2.67
C SER A 40 4.11 -12.55 2.12
N PHE A 41 4.24 -13.32 1.03
CA PHE A 41 5.55 -13.53 0.41
C PHE A 41 6.19 -12.21 0.03
N CYS A 42 5.43 -11.36 -0.68
CA CYS A 42 5.93 -10.06 -1.10
C CYS A 42 6.29 -9.20 0.10
N GLN A 43 5.65 -9.46 1.23
CA GLN A 43 5.90 -8.71 2.45
C GLN A 43 7.19 -9.17 3.13
N HIS A 44 7.29 -10.49 3.35
CA HIS A 44 8.47 -11.06 3.98
C HIS A 44 9.75 -10.59 3.30
N LYS A 45 9.75 -10.62 1.98
CA LYS A 45 10.91 -10.20 1.20
C LYS A 45 11.11 -8.69 1.31
N ASP A 46 10.01 -7.96 1.43
CA ASP A 46 10.07 -6.50 1.55
C ASP A 46 9.91 -6.08 3.00
N TRP A 47 10.05 -7.03 3.92
CA TRP A 47 9.93 -6.74 5.34
C TRP A 47 11.24 -6.23 5.92
N GLU A 48 12.25 -7.10 5.97
CA GLU A 48 13.55 -6.72 6.50
C GLU A 48 13.94 -5.32 6.06
N LYS A 49 13.37 -4.88 4.94
CA LYS A 49 13.65 -3.55 4.42
C LYS A 49 12.63 -2.54 4.92
N HIS A 50 11.36 -2.93 4.91
CA HIS A 50 10.28 -2.06 5.38
C HIS A 50 10.40 -1.80 6.88
N HIS A 51 10.54 -2.89 7.64
CA HIS A 51 10.65 -2.78 9.10
C HIS A 51 11.62 -1.67 9.49
N HIS A 52 12.48 -1.29 8.55
CA HIS A 52 13.46 -0.24 8.80
C HIS A 52 12.76 1.10 9.07
N ILE A 53 11.44 1.10 8.93
CA ILE A 53 10.67 2.31 9.16
C ILE A 53 9.61 2.10 10.24
N CYS A 54 9.09 0.87 10.32
CA CYS A 54 8.09 0.54 11.32
C CYS A 54 8.68 -0.35 12.41
N SER A 55 7.95 -0.46 13.53
CA SER A 55 8.42 -1.28 14.64
C SER A 55 8.37 -2.76 14.29
N GLY A 56 7.17 -3.28 14.08
CA GLY A 56 7.01 -4.68 13.74
C GLY A 56 6.31 -5.46 14.82
N PRO A 57 5.85 -6.69 14.48
CA PRO A 57 5.16 -7.56 15.42
C PRO A 57 6.09 -8.10 16.50
N SER A 58 7.33 -7.66 16.48
CA SER A 58 8.32 -8.11 17.45
C SER A 58 9.20 -6.94 17.92
N SER A 59 9.22 -6.72 19.23
CA SER A 59 10.01 -5.63 19.80
C SER A 59 10.96 -6.16 20.86
N GLY A 60 12.24 -6.27 20.52
CA GLY A 60 13.23 -6.77 21.45
C GLY A 60 13.34 -8.27 21.44
ZN ZN B . 3.78 -7.23 -4.38
ZN ZN C . 5.33 -2.33 8.83
N GLY A 1 -7.56 25.75 -39.75
CA GLY A 1 -6.56 25.14 -38.91
C GLY A 1 -7.08 24.81 -37.51
N SER A 2 -7.78 23.69 -37.40
CA SER A 2 -8.33 23.26 -36.11
C SER A 2 -7.48 22.16 -35.49
N SER A 3 -7.33 22.22 -34.17
CA SER A 3 -6.53 21.23 -33.46
C SER A 3 -6.70 21.39 -31.95
N GLY A 4 -6.55 20.30 -31.22
CA GLY A 4 -6.68 20.34 -29.77
C GLY A 4 -6.09 19.12 -29.10
N SER A 5 -6.77 17.98 -29.24
CA SER A 5 -6.32 16.74 -28.64
C SER A 5 -5.85 16.97 -27.20
N SER A 6 -6.60 17.78 -26.47
CA SER A 6 -6.26 18.09 -25.08
C SER A 6 -6.34 16.84 -24.21
N GLY A 7 -7.45 16.12 -24.32
CA GLY A 7 -7.64 14.91 -23.54
C GLY A 7 -7.90 15.20 -22.07
N ILE A 8 -8.37 14.19 -21.34
CA ILE A 8 -8.66 14.35 -19.93
C ILE A 8 -7.63 13.63 -19.07
N ASN A 9 -7.12 14.33 -18.06
CA ASN A 9 -6.12 13.76 -17.16
C ASN A 9 -6.46 12.31 -16.83
N GLN A 10 -5.42 11.50 -16.62
CA GLN A 10 -5.61 10.09 -16.30
C GLN A 10 -5.49 9.86 -14.79
N GLN A 11 -6.12 8.79 -14.31
CA GLN A 11 -6.09 8.46 -12.89
C GLN A 11 -5.56 7.05 -12.67
N GLU A 12 -4.29 6.96 -12.25
CA GLU A 12 -3.66 5.67 -12.01
C GLU A 12 -3.08 5.61 -10.59
N ASP A 13 -3.93 5.24 -9.64
CA ASP A 13 -3.51 5.13 -8.24
C ASP A 13 -4.59 4.49 -7.40
N SER A 14 -4.20 3.94 -6.25
CA SER A 14 -5.13 3.28 -5.35
C SER A 14 -4.59 3.25 -3.92
N SER A 15 -5.39 2.72 -3.01
CA SER A 15 -4.99 2.63 -1.61
C SER A 15 -4.54 1.22 -1.25
N GLU A 16 -5.29 0.23 -1.73
CA GLU A 16 -4.97 -1.17 -1.48
C GLU A 16 -3.98 -1.71 -2.51
N SER A 17 -2.95 -0.92 -2.80
CA SER A 17 -1.94 -1.31 -3.77
C SER A 17 -0.68 -1.82 -3.08
N CYS A 18 -0.06 -2.84 -3.66
CA CYS A 18 1.15 -3.42 -3.10
C CYS A 18 2.32 -2.44 -3.18
N TRP A 19 2.93 -2.15 -2.04
CA TRP A 19 4.06 -1.23 -1.98
C TRP A 19 5.20 -1.70 -2.88
N ASN A 20 5.44 -3.00 -2.88
CA ASN A 20 6.51 -3.59 -3.69
C ASN A 20 6.16 -3.50 -5.17
N CYS A 21 5.24 -4.35 -5.62
CA CYS A 21 4.83 -4.37 -7.02
C CYS A 21 4.12 -3.06 -7.39
N GLY A 22 2.93 -2.87 -6.83
CA GLY A 22 2.17 -1.67 -7.12
C GLY A 22 0.85 -1.96 -7.79
N ARG A 23 0.71 -3.17 -8.32
CA ARG A 23 -0.51 -3.57 -8.99
C ARG A 23 -1.67 -3.68 -8.01
N LYS A 24 -1.63 -4.69 -7.16
CA LYS A 24 -2.67 -4.91 -6.16
C LYS A 24 -2.09 -5.46 -4.86
N ALA A 25 -2.77 -5.19 -3.76
CA ALA A 25 -2.31 -5.66 -2.45
C ALA A 25 -3.40 -6.48 -1.77
N SER A 26 -3.02 -7.67 -1.30
CA SER A 26 -3.96 -8.56 -0.63
C SER A 26 -3.65 -8.65 0.87
N GLU A 27 -2.36 -8.65 1.20
CA GLU A 27 -1.94 -8.73 2.59
C GLU A 27 -1.49 -7.36 3.10
N THR A 28 -1.04 -7.32 4.35
CA THR A 28 -0.59 -6.08 4.96
C THR A 28 0.38 -6.35 6.11
N CYS A 29 1.37 -5.48 6.26
CA CYS A 29 2.36 -5.63 7.32
C CYS A 29 1.68 -5.91 8.67
N SER A 30 1.97 -7.07 9.23
CA SER A 30 1.39 -7.46 10.51
C SER A 30 2.16 -6.83 11.68
N GLY A 31 2.69 -5.63 11.45
CA GLY A 31 3.44 -4.94 12.47
C GLY A 31 2.97 -3.50 12.67
N CYS A 32 2.64 -2.84 11.58
CA CYS A 32 2.18 -1.47 11.63
C CYS A 32 0.83 -1.31 10.94
N ASN A 33 0.49 -2.29 10.09
CA ASN A 33 -0.78 -2.26 9.37
C ASN A 33 -0.84 -1.07 8.42
N THR A 34 0.31 -0.72 7.84
CA THR A 34 0.39 0.39 6.91
C THR A 34 0.93 -0.06 5.56
N ALA A 35 1.97 -0.88 5.57
CA ALA A 35 2.57 -1.39 4.36
C ALA A 35 1.70 -2.47 3.72
N ARG A 36 1.27 -2.22 2.49
CA ARG A 36 0.44 -3.18 1.77
C ARG A 36 1.28 -4.09 0.88
N TYR A 37 0.78 -5.30 0.64
CA TYR A 37 1.49 -6.26 -0.20
C TYR A 37 0.51 -7.19 -0.91
N CYS A 38 0.91 -7.66 -2.08
CA CYS A 38 0.07 -8.56 -2.87
C CYS A 38 0.02 -9.95 -2.24
N GLY A 39 0.85 -10.17 -1.23
CA GLY A 39 0.88 -11.46 -0.55
C GLY A 39 1.97 -11.53 0.50
N SER A 40 1.73 -12.34 1.53
CA SER A 40 2.69 -12.50 2.61
C SER A 40 4.11 -12.63 2.07
N PHE A 41 4.26 -13.42 1.02
CA PHE A 41 5.57 -13.64 0.40
C PHE A 41 6.23 -12.31 0.05
N CYS A 42 5.47 -11.45 -0.65
CA CYS A 42 5.98 -10.14 -1.05
C CYS A 42 6.36 -9.30 0.16
N GLN A 43 5.69 -9.55 1.29
CA GLN A 43 5.96 -8.82 2.52
C GLN A 43 7.28 -9.26 3.14
N HIS A 44 7.48 -10.57 3.22
CA HIS A 44 8.70 -11.12 3.78
C HIS A 44 9.94 -10.54 3.10
N LYS A 45 9.92 -10.52 1.78
CA LYS A 45 11.03 -9.98 1.01
C LYS A 45 11.10 -8.46 1.12
N ASP A 46 9.95 -7.83 1.31
CA ASP A 46 9.88 -6.38 1.46
C ASP A 46 9.74 -5.98 2.93
N TRP A 47 10.01 -6.93 3.81
CA TRP A 47 9.90 -6.69 5.25
C TRP A 47 11.24 -6.19 5.80
N GLU A 48 12.24 -7.08 5.80
CA GLU A 48 13.56 -6.73 6.31
C GLU A 48 13.95 -5.31 5.89
N LYS A 49 13.36 -4.84 4.80
CA LYS A 49 13.64 -3.50 4.30
C LYS A 49 12.62 -2.49 4.82
N HIS A 50 11.35 -2.90 4.85
CA HIS A 50 10.28 -2.05 5.33
C HIS A 50 10.39 -1.82 6.84
N HIS A 51 10.50 -2.91 7.59
CA HIS A 51 10.62 -2.83 9.04
C HIS A 51 11.59 -1.74 9.45
N HIS A 52 12.47 -1.36 8.53
CA HIS A 52 13.46 -0.32 8.79
C HIS A 52 12.79 1.01 9.07
N ILE A 53 11.47 1.04 8.93
CA ILE A 53 10.70 2.26 9.18
C ILE A 53 9.65 2.04 10.26
N CYS A 54 9.12 0.82 10.33
CA CYS A 54 8.11 0.48 11.32
C CYS A 54 8.69 -0.43 12.40
N SER A 55 7.98 -0.52 13.53
CA SER A 55 8.44 -1.35 14.64
C SER A 55 8.36 -2.82 14.29
N GLY A 56 7.15 -3.32 14.06
CA GLY A 56 6.96 -4.71 13.72
C GLY A 56 6.27 -5.50 14.80
N PRO A 57 5.78 -6.70 14.46
CA PRO A 57 5.08 -7.57 15.40
C PRO A 57 6.02 -8.15 16.46
N SER A 58 7.30 -8.20 16.14
CA SER A 58 8.30 -8.73 17.06
C SER A 58 9.07 -7.61 17.76
N SER A 59 8.49 -7.09 18.83
CA SER A 59 9.10 -6.00 19.59
C SER A 59 9.95 -6.55 20.72
N GLY A 60 9.32 -7.28 21.64
CA GLY A 60 10.03 -7.84 22.76
C GLY A 60 9.90 -9.35 22.84
ZN ZN B . 3.82 -7.31 -4.28
ZN ZN C . 5.31 -2.35 8.83
N GLY A 1 -11.92 43.14 -17.51
CA GLY A 1 -11.32 42.15 -16.64
C GLY A 1 -11.63 40.72 -17.06
N SER A 2 -10.76 40.16 -17.88
CA SER A 2 -10.94 38.79 -18.38
C SER A 2 -9.63 38.03 -18.38
N SER A 3 -9.66 36.80 -17.86
CA SER A 3 -8.46 35.97 -17.80
C SER A 3 -8.80 34.57 -17.30
N GLY A 4 -8.27 33.56 -17.97
CA GLY A 4 -8.53 32.19 -17.58
C GLY A 4 -7.30 31.52 -16.99
N SER A 5 -7.34 30.19 -16.91
CA SER A 5 -6.22 29.42 -16.36
C SER A 5 -6.29 27.96 -16.81
N SER A 6 -5.20 27.23 -16.58
CA SER A 6 -5.14 25.83 -16.97
C SER A 6 -5.90 24.95 -15.98
N GLY A 7 -6.00 23.66 -16.29
CA GLY A 7 -6.71 22.74 -15.41
C GLY A 7 -5.79 22.06 -14.43
N ILE A 8 -6.32 21.74 -13.25
CA ILE A 8 -5.54 21.07 -12.22
C ILE A 8 -6.26 19.83 -11.70
N ASN A 9 -5.48 18.80 -11.35
CA ASN A 9 -6.05 17.57 -10.83
C ASN A 9 -4.95 16.65 -10.30
N GLN A 10 -4.90 16.52 -8.97
CA GLN A 10 -3.89 15.68 -8.33
C GLN A 10 -4.55 14.48 -7.65
N GLN A 11 -3.81 13.38 -7.56
CA GLN A 11 -4.33 12.16 -6.94
C GLN A 11 -3.83 12.04 -5.50
N GLU A 12 -4.74 11.73 -4.58
CA GLU A 12 -4.39 11.59 -3.18
C GLU A 12 -5.54 10.95 -2.40
N ASP A 13 -5.35 9.70 -1.99
CA ASP A 13 -6.37 8.99 -1.23
C ASP A 13 -5.85 7.62 -0.78
N SER A 14 -6.03 7.33 0.51
CA SER A 14 -5.58 6.06 1.06
C SER A 14 -5.80 4.92 0.09
N SER A 15 -4.71 4.48 -0.56
CA SER A 15 -4.79 3.39 -1.53
C SER A 15 -4.43 2.06 -0.89
N GLU A 16 -4.86 0.97 -1.51
CA GLU A 16 -4.58 -0.37 -1.00
C GLU A 16 -3.82 -1.20 -2.02
N SER A 17 -2.77 -0.61 -2.60
CA SER A 17 -1.97 -1.29 -3.61
C SER A 17 -0.64 -1.76 -3.01
N CYS A 18 -0.13 -2.87 -3.54
CA CYS A 18 1.13 -3.44 -3.06
C CYS A 18 2.26 -2.42 -3.20
N TRP A 19 2.91 -2.11 -2.08
CA TRP A 19 4.02 -1.16 -2.08
C TRP A 19 5.13 -1.62 -3.01
N ASN A 20 5.43 -2.92 -2.97
CA ASN A 20 6.48 -3.48 -3.81
C ASN A 20 6.11 -3.38 -5.28
N CYS A 21 5.19 -4.24 -5.72
CA CYS A 21 4.75 -4.26 -7.10
C CYS A 21 3.95 -2.99 -7.43
N GLY A 22 2.74 -2.91 -6.89
CA GLY A 22 1.90 -1.75 -7.14
C GLY A 22 0.55 -2.14 -7.70
N ARG A 23 0.50 -3.22 -8.46
CA ARG A 23 -0.74 -3.70 -9.06
C ARG A 23 -1.85 -3.74 -8.03
N LYS A 24 -1.78 -4.72 -7.13
CA LYS A 24 -2.78 -4.88 -6.08
C LYS A 24 -2.17 -5.47 -4.82
N ALA A 25 -2.77 -5.18 -3.67
CA ALA A 25 -2.29 -5.69 -2.40
C ALA A 25 -3.34 -6.55 -1.72
N SER A 26 -2.97 -7.77 -1.35
CA SER A 26 -3.88 -8.69 -0.69
C SER A 26 -3.59 -8.77 0.80
N GLU A 27 -2.31 -8.66 1.16
CA GLU A 27 -1.90 -8.72 2.55
C GLU A 27 -1.43 -7.36 3.04
N THR A 28 -0.94 -7.31 4.28
CA THR A 28 -0.46 -6.07 4.87
C THR A 28 0.47 -6.33 6.04
N CYS A 29 1.53 -5.56 6.13
CA CYS A 29 2.51 -5.70 7.21
C CYS A 29 1.81 -5.99 8.54
N SER A 30 2.09 -7.15 9.11
CA SER A 30 1.49 -7.54 10.38
C SER A 30 2.23 -6.90 11.55
N GLY A 31 2.77 -5.71 11.32
CA GLY A 31 3.49 -5.00 12.37
C GLY A 31 2.98 -3.59 12.58
N CYS A 32 2.67 -2.91 11.49
CA CYS A 32 2.17 -1.54 11.57
C CYS A 32 0.86 -1.40 10.81
N ASN A 33 0.56 -2.39 9.97
CA ASN A 33 -0.68 -2.39 9.19
C ASN A 33 -0.73 -1.17 8.27
N THR A 34 0.43 -0.78 7.76
CA THR A 34 0.51 0.37 6.87
C THR A 34 1.05 -0.03 5.50
N ALA A 35 2.10 -0.84 5.50
CA ALA A 35 2.71 -1.31 4.25
C ALA A 35 1.88 -2.43 3.63
N ARG A 36 1.30 -2.15 2.47
CA ARG A 36 0.48 -3.13 1.76
C ARG A 36 1.35 -4.03 0.88
N TYR A 37 0.83 -5.22 0.57
CA TYR A 37 1.55 -6.17 -0.26
C TYR A 37 0.59 -7.09 -1.00
N CYS A 38 1.06 -7.65 -2.11
CA CYS A 38 0.23 -8.55 -2.91
C CYS A 38 0.21 -9.95 -2.31
N GLY A 39 0.83 -10.09 -1.15
CA GLY A 39 0.87 -11.38 -0.48
C GLY A 39 1.94 -11.46 0.59
N SER A 40 1.75 -12.35 1.56
CA SER A 40 2.71 -12.50 2.65
C SER A 40 4.12 -12.66 2.10
N PHE A 41 4.24 -13.31 0.94
CA PHE A 41 5.54 -13.53 0.31
C PHE A 41 6.19 -12.20 -0.06
N CYS A 42 5.43 -11.32 -0.69
CA CYS A 42 5.93 -10.02 -1.11
C CYS A 42 6.27 -9.15 0.10
N GLN A 43 5.66 -9.48 1.24
CA GLN A 43 5.89 -8.74 2.47
C GLN A 43 7.16 -9.22 3.17
N HIS A 44 7.25 -10.53 3.37
CA HIS A 44 8.41 -11.12 4.04
C HIS A 44 9.70 -10.62 3.40
N LYS A 45 9.74 -10.62 2.08
CA LYS A 45 10.92 -10.17 1.35
C LYS A 45 11.10 -8.66 1.48
N ASP A 46 9.99 -7.93 1.44
CA ASP A 46 10.02 -6.48 1.56
C ASP A 46 9.87 -6.05 3.02
N TRP A 47 10.04 -7.00 3.93
CA TRP A 47 9.92 -6.73 5.36
C TRP A 47 11.25 -6.22 5.92
N GLU A 48 12.25 -7.09 5.94
CA GLU A 48 13.56 -6.73 6.46
C GLU A 48 13.95 -5.32 6.02
N LYS A 49 13.37 -4.88 4.92
CA LYS A 49 13.65 -3.54 4.40
C LYS A 49 12.63 -2.53 4.90
N HIS A 50 11.36 -2.92 4.90
CA HIS A 50 10.29 -2.05 5.37
C HIS A 50 10.40 -1.82 6.87
N HIS A 51 10.51 -2.90 7.63
CA HIS A 51 10.63 -2.80 9.08
C HIS A 51 11.60 -1.69 9.48
N HIS A 52 12.47 -1.31 8.55
CA HIS A 52 13.44 -0.26 8.81
C HIS A 52 12.76 1.07 9.09
N ILE A 53 11.44 1.08 8.95
CA ILE A 53 10.65 2.29 9.17
C ILE A 53 9.60 2.08 10.25
N CYS A 54 9.10 0.85 10.34
CA CYS A 54 8.08 0.50 11.32
C CYS A 54 8.67 -0.39 12.41
N SER A 55 7.96 -0.49 13.54
CA SER A 55 8.40 -1.32 14.65
C SER A 55 8.33 -2.80 14.30
N GLY A 56 7.11 -3.29 14.10
CA GLY A 56 6.93 -4.69 13.76
C GLY A 56 6.19 -5.46 14.84
N PRO A 57 5.73 -6.66 14.50
CA PRO A 57 5.00 -7.53 15.44
C PRO A 57 5.90 -8.07 16.54
N SER A 58 5.53 -7.78 17.79
CA SER A 58 6.31 -8.25 18.93
C SER A 58 6.14 -9.75 19.13
N SER A 59 7.23 -10.42 19.50
CA SER A 59 7.22 -11.86 19.71
C SER A 59 8.11 -12.25 20.88
N GLY A 60 8.04 -13.51 21.27
CA GLY A 60 8.86 -13.99 22.38
C GLY A 60 8.33 -15.28 22.97
ZN ZN B . 3.83 -7.24 -4.44
ZN ZN C . 5.33 -2.36 8.84
N GLY A 1 -17.19 34.33 -24.94
CA GLY A 1 -16.24 34.01 -23.88
C GLY A 1 -16.92 33.90 -22.53
N SER A 2 -16.15 34.15 -21.46
CA SER A 2 -16.68 34.07 -20.11
C SER A 2 -17.40 32.74 -19.88
N SER A 3 -16.75 31.65 -20.29
CA SER A 3 -17.33 30.32 -20.14
C SER A 3 -16.24 29.28 -19.89
N GLY A 4 -16.53 28.32 -19.03
CA GLY A 4 -15.57 27.28 -18.71
C GLY A 4 -15.91 26.55 -17.44
N SER A 5 -16.38 25.31 -17.57
CA SER A 5 -16.74 24.50 -16.42
C SER A 5 -16.52 23.01 -16.71
N SER A 6 -15.84 22.34 -15.79
CA SER A 6 -15.56 20.91 -15.95
C SER A 6 -14.92 20.35 -14.67
N GLY A 7 -14.94 19.02 -14.55
CA GLY A 7 -14.36 18.38 -13.39
C GLY A 7 -14.17 16.89 -13.59
N ILE A 8 -13.26 16.30 -12.82
CA ILE A 8 -12.98 14.87 -12.91
C ILE A 8 -13.38 14.15 -11.63
N ASN A 9 -14.16 13.08 -11.77
CA ASN A 9 -14.60 12.30 -10.63
C ASN A 9 -13.66 11.12 -10.38
N GLN A 10 -12.65 11.36 -9.55
CA GLN A 10 -11.68 10.32 -9.21
C GLN A 10 -12.04 9.62 -7.90
N GLN A 11 -13.34 9.42 -7.70
CA GLN A 11 -13.82 8.76 -6.49
C GLN A 11 -12.86 7.67 -6.04
N GLU A 12 -12.34 7.81 -4.83
CA GLU A 12 -11.41 6.83 -4.28
C GLU A 12 -11.39 6.87 -2.75
N ASP A 13 -11.51 5.71 -2.13
CA ASP A 13 -11.52 5.61 -0.67
C ASP A 13 -11.08 4.22 -0.22
N SER A 14 -10.20 4.18 0.77
CA SER A 14 -9.69 2.91 1.29
C SER A 14 -8.82 2.21 0.26
N SER A 15 -8.00 2.98 -0.44
CA SER A 15 -7.11 2.42 -1.46
C SER A 15 -6.24 1.32 -0.87
N GLU A 16 -5.62 0.54 -1.75
CA GLU A 16 -4.75 -0.55 -1.32
C GLU A 16 -3.94 -1.09 -2.50
N SER A 17 -2.66 -0.77 -2.53
CA SER A 17 -1.77 -1.22 -3.61
C SER A 17 -0.44 -1.70 -3.04
N CYS A 18 -0.04 -2.90 -3.45
CA CYS A 18 1.21 -3.48 -2.99
C CYS A 18 2.36 -2.48 -3.14
N TRP A 19 3.02 -2.17 -2.03
CA TRP A 19 4.13 -1.23 -2.04
C TRP A 19 5.25 -1.71 -2.97
N ASN A 20 5.51 -3.02 -2.92
CA ASN A 20 6.56 -3.61 -3.76
C ASN A 20 6.18 -3.52 -5.24
N CYS A 21 5.24 -4.36 -5.67
CA CYS A 21 4.80 -4.38 -7.04
C CYS A 21 4.03 -3.10 -7.38
N GLY A 22 2.82 -2.99 -6.84
CA GLY A 22 2.01 -1.82 -7.09
C GLY A 22 0.64 -2.17 -7.65
N ARG A 23 0.59 -3.25 -8.43
CA ARG A 23 -0.66 -3.70 -9.03
C ARG A 23 -1.78 -3.72 -8.00
N LYS A 24 -1.76 -4.72 -7.13
CA LYS A 24 -2.78 -4.85 -6.09
C LYS A 24 -2.18 -5.48 -4.83
N ALA A 25 -2.76 -5.14 -3.69
CA ALA A 25 -2.29 -5.68 -2.41
C ALA A 25 -3.40 -6.46 -1.70
N SER A 26 -3.09 -7.71 -1.36
CA SER A 26 -4.06 -8.58 -0.69
C SER A 26 -3.77 -8.64 0.81
N GLU A 27 -2.49 -8.58 1.16
CA GLU A 27 -2.08 -8.64 2.57
C GLU A 27 -1.61 -7.27 3.05
N THR A 28 -1.12 -7.22 4.28
CA THR A 28 -0.63 -5.98 4.86
C THR A 28 0.30 -6.25 6.04
N CYS A 29 1.33 -5.41 6.19
CA CYS A 29 2.29 -5.56 7.28
C CYS A 29 1.57 -5.86 8.59
N SER A 30 1.83 -7.04 9.15
CA SER A 30 1.21 -7.45 10.41
C SER A 30 1.94 -6.82 11.60
N GLY A 31 2.72 -5.79 11.32
CA GLY A 31 3.46 -5.12 12.38
C GLY A 31 2.97 -3.70 12.61
N CYS A 32 2.65 -3.00 11.53
CA CYS A 32 2.18 -1.63 11.62
C CYS A 32 0.84 -1.46 10.90
N ASN A 33 0.55 -2.38 9.99
CA ASN A 33 -0.69 -2.34 9.23
C ASN A 33 -0.73 -1.12 8.31
N THR A 34 0.43 -0.73 7.80
CA THR A 34 0.53 0.42 6.92
C THR A 34 1.03 0.02 5.54
N ALA A 35 2.06 -0.83 5.52
CA ALA A 35 2.62 -1.30 4.26
C ALA A 35 1.75 -2.39 3.64
N ARG A 36 1.31 -2.16 2.40
CA ARG A 36 0.47 -3.12 1.70
C ARG A 36 1.32 -4.04 0.82
N TYR A 37 0.83 -5.26 0.62
CA TYR A 37 1.54 -6.24 -0.20
C TYR A 37 0.57 -7.16 -0.92
N CYS A 38 1.01 -7.70 -2.05
CA CYS A 38 0.17 -8.61 -2.83
C CYS A 38 0.11 -9.99 -2.20
N GLY A 39 0.86 -10.17 -1.11
CA GLY A 39 0.88 -11.45 -0.43
C GLY A 39 1.94 -11.51 0.65
N SER A 40 1.72 -12.37 1.64
CA SER A 40 2.67 -12.53 2.74
C SER A 40 4.09 -12.70 2.22
N PHE A 41 4.22 -13.35 1.07
CA PHE A 41 5.52 -13.59 0.46
C PHE A 41 6.18 -12.28 0.08
N CYS A 42 5.45 -11.43 -0.63
CA CYS A 42 5.97 -10.13 -1.06
C CYS A 42 6.36 -9.28 0.14
N GLN A 43 5.73 -9.54 1.28
CA GLN A 43 6.01 -8.78 2.50
C GLN A 43 7.32 -9.24 3.12
N HIS A 44 7.53 -10.56 3.18
CA HIS A 44 8.75 -11.11 3.74
C HIS A 44 9.98 -10.53 3.07
N LYS A 45 9.97 -10.49 1.75
CA LYS A 45 11.09 -9.95 0.98
C LYS A 45 11.15 -8.44 1.10
N ASP A 46 10.00 -7.82 1.35
CA ASP A 46 9.94 -6.36 1.50
C ASP A 46 9.80 -5.98 2.97
N TRP A 47 10.06 -6.93 3.85
CA TRP A 47 9.97 -6.68 5.29
C TRP A 47 11.30 -6.18 5.84
N GLU A 48 12.33 -7.03 5.79
CA GLU A 48 13.65 -6.67 6.28
C GLU A 48 14.01 -5.25 5.87
N LYS A 49 13.38 -4.77 4.79
CA LYS A 49 13.64 -3.43 4.29
C LYS A 49 12.60 -2.43 4.82
N HIS A 50 11.35 -2.87 4.87
CA HIS A 50 10.27 -2.03 5.36
C HIS A 50 10.38 -1.81 6.86
N HIS A 51 10.51 -2.90 7.60
CA HIS A 51 10.63 -2.83 9.05
C HIS A 51 11.59 -1.72 9.47
N HIS A 52 12.46 -1.32 8.54
CA HIS A 52 13.43 -0.26 8.82
C HIS A 52 12.73 1.06 9.10
N ILE A 53 11.41 1.06 8.97
CA ILE A 53 10.62 2.27 9.22
C ILE A 53 9.57 2.02 10.29
N CYS A 54 9.08 0.79 10.37
CA CYS A 54 8.07 0.43 11.37
C CYS A 54 8.67 -0.47 12.44
N SER A 55 7.97 -0.58 13.56
CA SER A 55 8.44 -1.41 14.68
C SER A 55 8.30 -2.89 14.34
N GLY A 56 7.08 -3.31 14.02
CA GLY A 56 6.83 -4.70 13.69
C GLY A 56 5.96 -5.40 14.70
N PRO A 57 5.54 -6.63 14.40
CA PRO A 57 4.70 -7.44 15.28
C PRO A 57 5.44 -7.90 16.53
N SER A 58 6.70 -7.49 16.65
CA SER A 58 7.51 -7.87 17.79
C SER A 58 7.24 -6.95 18.98
N SER A 59 5.97 -6.84 19.36
CA SER A 59 5.57 -5.99 20.47
C SER A 59 4.68 -6.75 21.45
N GLY A 60 4.27 -6.07 22.51
CA GLY A 60 3.41 -6.71 23.51
C GLY A 60 2.12 -5.94 23.73
ZN ZN B . 3.83 -7.35 -4.34
ZN ZN C . 5.34 -2.40 8.83
N GLY A 1 -29.08 30.92 -17.76
CA GLY A 1 -27.69 31.24 -17.95
C GLY A 1 -26.76 30.24 -17.27
N SER A 2 -26.69 30.31 -15.95
CA SER A 2 -25.84 29.42 -15.18
C SER A 2 -26.64 28.70 -14.09
N SER A 3 -26.22 27.48 -13.78
CA SER A 3 -26.91 26.68 -12.76
C SER A 3 -25.97 26.36 -11.60
N GLY A 4 -24.78 25.86 -11.93
CA GLY A 4 -23.82 25.51 -10.92
C GLY A 4 -23.73 24.01 -10.67
N SER A 5 -22.57 23.43 -10.95
CA SER A 5 -22.37 22.00 -10.77
C SER A 5 -20.89 21.68 -10.57
N SER A 6 -20.61 20.54 -9.95
CA SER A 6 -19.24 20.12 -9.69
C SER A 6 -19.02 18.68 -10.14
N GLY A 7 -19.85 17.77 -9.64
CA GLY A 7 -19.73 16.38 -10.01
C GLY A 7 -18.47 15.74 -9.45
N ILE A 8 -18.27 14.46 -9.77
CA ILE A 8 -17.09 13.74 -9.30
C ILE A 8 -16.07 13.55 -10.41
N ASN A 9 -14.84 13.99 -10.17
CA ASN A 9 -13.78 13.87 -11.15
C ASN A 9 -12.89 12.68 -10.83
N GLN A 10 -12.40 12.61 -9.60
CA GLN A 10 -11.54 11.52 -9.18
C GLN A 10 -11.52 11.40 -7.65
N GLN A 11 -11.23 10.19 -7.17
CA GLN A 11 -11.19 9.94 -5.74
C GLN A 11 -10.09 8.93 -5.39
N GLU A 12 -9.94 8.64 -4.10
CA GLU A 12 -8.93 7.70 -3.64
C GLU A 12 -9.11 7.39 -2.16
N ASP A 13 -9.56 6.18 -1.85
CA ASP A 13 -9.76 5.77 -0.47
C ASP A 13 -9.17 4.39 -0.21
N SER A 14 -9.44 3.46 -1.13
CA SER A 14 -8.94 2.09 -1.00
C SER A 14 -7.42 2.08 -0.94
N SER A 15 -6.78 2.64 -1.97
CA SER A 15 -5.32 2.69 -2.03
C SER A 15 -4.71 1.37 -1.56
N GLU A 16 -5.34 0.26 -1.95
CA GLU A 16 -4.86 -1.05 -1.57
C GLU A 16 -3.85 -1.59 -2.59
N SER A 17 -2.85 -0.77 -2.90
CA SER A 17 -1.82 -1.15 -3.86
C SER A 17 -0.58 -1.65 -3.15
N CYS A 18 -0.04 -2.77 -3.64
CA CYS A 18 1.16 -3.36 -3.05
C CYS A 18 2.35 -2.41 -3.15
N TRP A 19 2.90 -2.02 -2.00
CA TRP A 19 4.04 -1.11 -1.96
C TRP A 19 5.16 -1.62 -2.85
N ASN A 20 5.47 -2.91 -2.73
CA ASN A 20 6.54 -3.51 -3.52
C ASN A 20 6.23 -3.42 -5.01
N CYS A 21 5.28 -4.25 -5.46
CA CYS A 21 4.89 -4.27 -6.87
C CYS A 21 4.11 -3.00 -7.23
N GLY A 22 2.89 -2.90 -6.73
CA GLY A 22 2.07 -1.74 -7.01
C GLY A 22 0.75 -2.11 -7.65
N ARG A 23 0.74 -3.21 -8.40
CA ARG A 23 -0.46 -3.67 -9.07
C ARG A 23 -1.64 -3.75 -8.10
N LYS A 24 -1.59 -4.73 -7.20
CA LYS A 24 -2.65 -4.91 -6.21
C LYS A 24 -2.07 -5.45 -4.90
N ALA A 25 -2.76 -5.18 -3.80
CA ALA A 25 -2.33 -5.64 -2.49
C ALA A 25 -3.40 -6.51 -1.83
N SER A 26 -3.00 -7.67 -1.33
CA SER A 26 -3.92 -8.58 -0.67
C SER A 26 -3.64 -8.67 0.82
N GLU A 27 -2.35 -8.65 1.17
CA GLU A 27 -1.94 -8.72 2.57
C GLU A 27 -1.40 -7.38 3.06
N THR A 28 -1.13 -7.29 4.35
CA THR A 28 -0.61 -6.07 4.94
C THR A 28 0.40 -6.37 6.05
N CYS A 29 1.35 -5.47 6.24
CA CYS A 29 2.38 -5.65 7.26
C CYS A 29 1.75 -5.97 8.61
N SER A 30 2.09 -7.14 9.15
CA SER A 30 1.55 -7.57 10.44
C SER A 30 2.32 -6.92 11.59
N GLY A 31 2.77 -5.69 11.38
CA GLY A 31 3.51 -4.98 12.40
C GLY A 31 3.01 -3.56 12.61
N CYS A 32 2.68 -2.88 11.52
CA CYS A 32 2.19 -1.52 11.58
C CYS A 32 0.84 -1.39 10.89
N ASN A 33 0.49 -2.40 10.09
CA ASN A 33 -0.77 -2.40 9.36
C ASN A 33 -0.87 -1.19 8.43
N THR A 34 0.26 -0.78 7.89
CA THR A 34 0.31 0.36 6.98
C THR A 34 0.83 -0.05 5.60
N ALA A 35 1.89 -0.85 5.60
CA ALA A 35 2.49 -1.32 4.35
C ALA A 35 1.65 -2.42 3.72
N ARG A 36 1.15 -2.16 2.52
CA ARG A 36 0.32 -3.14 1.81
C ARG A 36 1.18 -4.03 0.92
N TYR A 37 0.72 -5.26 0.70
CA TYR A 37 1.45 -6.21 -0.13
C TYR A 37 0.48 -7.12 -0.88
N CYS A 38 0.94 -7.65 -2.01
CA CYS A 38 0.12 -8.54 -2.83
C CYS A 38 0.07 -9.94 -2.22
N GLY A 39 0.87 -10.15 -1.18
CA GLY A 39 0.88 -11.45 -0.52
C GLY A 39 1.97 -11.54 0.54
N SER A 40 1.73 -12.34 1.57
CA SER A 40 2.69 -12.51 2.66
C SER A 40 4.10 -12.66 2.10
N PHE A 41 4.23 -13.40 1.00
CA PHE A 41 5.53 -13.62 0.38
C PHE A 41 6.20 -12.29 0.02
N CYS A 42 5.42 -11.39 -0.59
CA CYS A 42 5.93 -10.09 -0.99
C CYS A 42 6.33 -9.27 0.23
N GLN A 43 5.67 -9.53 1.35
CA GLN A 43 5.96 -8.81 2.59
C GLN A 43 7.27 -9.29 3.21
N HIS A 44 7.44 -10.60 3.29
CA HIS A 44 8.65 -11.19 3.86
C HIS A 44 9.89 -10.65 3.16
N LYS A 45 9.85 -10.61 1.84
CA LYS A 45 10.98 -10.13 1.05
C LYS A 45 11.09 -8.60 1.16
N ASP A 46 9.95 -7.94 1.36
CA ASP A 46 9.93 -6.49 1.48
C ASP A 46 9.78 -6.07 2.94
N TRP A 47 10.04 -7.01 3.85
CA TRP A 47 9.94 -6.74 5.28
C TRP A 47 11.27 -6.22 5.83
N GLU A 48 12.28 -7.08 5.85
CA GLU A 48 13.59 -6.70 6.35
C GLU A 48 13.96 -5.29 5.90
N LYS A 49 13.36 -4.86 4.80
CA LYS A 49 13.64 -3.53 4.26
C LYS A 49 12.61 -2.51 4.76
N HIS A 50 11.35 -2.93 4.81
CA HIS A 50 10.28 -2.07 5.28
C HIS A 50 10.39 -1.82 6.78
N HIS A 51 10.51 -2.91 7.54
CA HIS A 51 10.63 -2.81 8.99
C HIS A 51 11.59 -1.70 9.39
N HIS A 52 12.47 -1.32 8.46
CA HIS A 52 13.44 -0.28 8.71
C HIS A 52 12.76 1.06 8.97
N ILE A 53 11.44 1.08 8.84
CA ILE A 53 10.66 2.30 9.06
C ILE A 53 9.61 2.08 10.15
N CYS A 54 9.10 0.86 10.24
CA CYS A 54 8.09 0.52 11.23
C CYS A 54 8.67 -0.37 12.32
N SER A 55 7.96 -0.47 13.44
CA SER A 55 8.41 -1.29 14.57
C SER A 55 8.37 -2.77 14.21
N GLY A 56 7.16 -3.29 14.03
CA GLY A 56 7.02 -4.69 13.69
C GLY A 56 6.35 -5.49 14.79
N PRO A 57 5.86 -6.70 14.44
CA PRO A 57 5.20 -7.58 15.40
C PRO A 57 6.16 -8.15 16.43
N SER A 58 7.42 -8.29 16.05
CA SER A 58 8.44 -8.83 16.94
C SER A 58 9.83 -8.74 16.30
N SER A 59 10.82 -8.41 17.12
CA SER A 59 12.19 -8.29 16.63
C SER A 59 13.09 -9.33 17.29
N GLY A 60 13.01 -9.43 18.61
CA GLY A 60 13.82 -10.39 19.34
C GLY A 60 15.27 -9.98 19.41
ZN ZN B . 3.81 -7.23 -4.24
ZN ZN C . 5.31 -2.35 8.77
N GLY A 1 -17.75 35.12 -8.53
CA GLY A 1 -17.71 34.29 -7.34
C GLY A 1 -19.08 34.00 -6.78
N SER A 2 -19.99 33.57 -7.65
CA SER A 2 -21.36 33.26 -7.23
C SER A 2 -21.52 31.77 -6.97
N SER A 3 -21.18 30.95 -7.95
CA SER A 3 -21.29 29.51 -7.83
C SER A 3 -20.37 28.80 -8.82
N GLY A 4 -19.74 27.72 -8.36
CA GLY A 4 -18.84 26.97 -9.22
C GLY A 4 -19.01 25.47 -9.07
N SER A 5 -18.25 24.71 -9.86
CA SER A 5 -18.33 23.26 -9.80
C SER A 5 -17.00 22.63 -10.23
N SER A 6 -16.73 21.44 -9.72
CA SER A 6 -15.49 20.73 -10.04
C SER A 6 -15.67 19.22 -9.90
N GLY A 7 -15.43 18.50 -11.00
CA GLY A 7 -15.58 17.06 -10.99
C GLY A 7 -14.39 16.35 -11.62
N ILE A 8 -13.56 15.72 -10.80
CA ILE A 8 -12.40 15.01 -11.30
C ILE A 8 -12.33 13.60 -10.72
N ASN A 9 -12.78 13.45 -9.48
CA ASN A 9 -12.78 12.16 -8.81
C ASN A 9 -11.36 11.60 -8.72
N GLN A 10 -10.43 12.44 -8.26
CA GLN A 10 -9.03 12.02 -8.12
C GLN A 10 -8.68 11.79 -6.65
N GLN A 11 -7.93 10.73 -6.40
CA GLN A 11 -7.52 10.40 -5.04
C GLN A 11 -6.31 9.46 -5.05
N GLU A 12 -5.17 9.98 -4.58
CA GLU A 12 -3.94 9.19 -4.54
C GLU A 12 -3.27 9.31 -3.18
N ASP A 13 -3.66 8.43 -2.26
CA ASP A 13 -3.10 8.43 -0.91
C ASP A 13 -3.35 7.10 -0.21
N SER A 14 -2.36 6.62 0.51
CA SER A 14 -2.48 5.35 1.24
C SER A 14 -3.33 4.36 0.44
N SER A 15 -3.04 4.24 -0.85
CA SER A 15 -3.77 3.33 -1.73
C SER A 15 -3.74 1.91 -1.17
N GLU A 16 -4.56 1.04 -1.75
CA GLU A 16 -4.62 -0.35 -1.32
C GLU A 16 -3.74 -1.23 -2.19
N SER A 17 -2.98 -0.61 -3.09
CA SER A 17 -2.09 -1.34 -3.99
C SER A 17 -0.85 -1.81 -3.25
N CYS A 18 -0.23 -2.85 -3.76
CA CYS A 18 0.99 -3.41 -3.15
C CYS A 18 2.14 -2.42 -3.24
N TRP A 19 2.72 -2.10 -2.08
CA TRP A 19 3.84 -1.16 -2.02
C TRP A 19 5.00 -1.65 -2.89
N ASN A 20 5.32 -2.93 -2.78
CA ASN A 20 6.41 -3.52 -3.54
C ASN A 20 6.13 -3.42 -5.04
N CYS A 21 5.24 -4.28 -5.53
CA CYS A 21 4.89 -4.30 -6.94
C CYS A 21 4.21 -2.99 -7.34
N GLY A 22 2.98 -2.80 -6.86
CA GLY A 22 2.24 -1.60 -7.18
C GLY A 22 0.93 -1.89 -7.88
N ARG A 23 0.74 -3.14 -8.30
CA ARG A 23 -0.47 -3.55 -8.99
C ARG A 23 -1.63 -3.67 -8.01
N LYS A 24 -1.60 -4.68 -7.17
CA LYS A 24 -2.64 -4.91 -6.18
C LYS A 24 -2.08 -5.51 -4.90
N ALA A 25 -2.72 -5.22 -3.77
CA ALA A 25 -2.28 -5.73 -2.48
C ALA A 25 -3.37 -6.55 -1.82
N SER A 26 -3.00 -7.73 -1.33
CA SER A 26 -3.95 -8.63 -0.67
C SER A 26 -3.64 -8.74 0.82
N GLU A 27 -2.36 -8.63 1.16
CA GLU A 27 -1.94 -8.73 2.55
C GLU A 27 -1.50 -7.37 3.08
N THR A 28 -1.07 -7.34 4.34
CA THR A 28 -0.63 -6.10 4.96
C THR A 28 0.38 -6.38 6.08
N CYS A 29 1.32 -5.46 6.28
CA CYS A 29 2.32 -5.61 7.31
C CYS A 29 1.69 -5.92 8.66
N SER A 30 2.06 -7.06 9.23
CA SER A 30 1.51 -7.47 10.52
C SER A 30 2.27 -6.81 11.67
N GLY A 31 2.80 -5.62 11.41
CA GLY A 31 3.55 -4.90 12.42
C GLY A 31 3.04 -3.48 12.63
N CYS A 32 2.70 -2.81 11.53
CA CYS A 32 2.20 -1.46 11.59
C CYS A 32 0.85 -1.33 10.88
N ASN A 33 0.52 -2.34 10.09
CA ASN A 33 -0.74 -2.35 9.36
C ASN A 33 -0.85 -1.14 8.44
N THR A 34 0.30 -0.72 7.89
CA THR A 34 0.34 0.43 7.00
C THR A 34 0.83 0.03 5.61
N ALA A 35 1.88 -0.78 5.57
CA ALA A 35 2.46 -1.24 4.31
C ALA A 35 1.64 -2.39 3.73
N ARG A 36 1.17 -2.22 2.51
CA ARG A 36 0.38 -3.25 1.85
C ARG A 36 1.26 -4.15 0.98
N TYR A 37 0.74 -5.33 0.63
CA TYR A 37 1.48 -6.27 -0.19
C TYR A 37 0.54 -7.20 -0.93
N CYS A 38 0.99 -7.70 -2.08
CA CYS A 38 0.19 -8.61 -2.90
C CYS A 38 0.19 -10.01 -2.30
N GLY A 39 0.83 -10.16 -1.14
CA GLY A 39 0.89 -11.45 -0.50
C GLY A 39 2.00 -11.54 0.54
N SER A 40 1.79 -12.35 1.57
CA SER A 40 2.78 -12.52 2.63
C SER A 40 4.18 -12.64 2.05
N PHE A 41 4.31 -13.42 0.98
CA PHE A 41 5.60 -13.62 0.32
C PHE A 41 6.24 -12.29 -0.06
N CYS A 42 5.43 -11.41 -0.64
CA CYS A 42 5.90 -10.10 -1.06
C CYS A 42 6.27 -9.24 0.15
N GLN A 43 5.67 -9.56 1.30
CA GLN A 43 5.93 -8.82 2.53
C GLN A 43 7.24 -9.27 3.17
N HIS A 44 7.41 -10.59 3.30
CA HIS A 44 8.61 -11.15 3.91
C HIS A 44 9.85 -10.58 3.25
N LYS A 45 9.87 -10.56 1.92
CA LYS A 45 10.99 -10.05 1.16
C LYS A 45 11.11 -8.54 1.32
N ASP A 46 9.96 -7.86 1.36
CA ASP A 46 9.93 -6.41 1.50
C ASP A 46 9.81 -6.01 2.97
N TRP A 47 10.01 -6.98 3.86
CA TRP A 47 9.93 -6.73 5.29
C TRP A 47 11.25 -6.22 5.84
N GLU A 48 12.26 -7.10 5.88
CA GLU A 48 13.57 -6.73 6.37
C GLU A 48 13.95 -5.32 5.93
N LYS A 49 13.37 -4.88 4.81
CA LYS A 49 13.64 -3.56 4.27
C LYS A 49 12.63 -2.55 4.80
N HIS A 50 11.36 -2.93 4.83
CA HIS A 50 10.30 -2.06 5.31
C HIS A 50 10.42 -1.84 6.82
N HIS A 51 10.52 -2.93 7.57
CA HIS A 51 10.64 -2.86 9.02
C HIS A 51 11.62 -1.77 9.43
N HIS A 52 12.50 -1.39 8.50
CA HIS A 52 13.50 -0.35 8.77
C HIS A 52 12.82 0.99 9.06
N ILE A 53 11.50 1.01 8.91
CA ILE A 53 10.74 2.23 9.16
C ILE A 53 9.68 2.02 10.24
N CYS A 54 9.16 0.80 10.31
CA CYS A 54 8.15 0.46 11.30
C CYS A 54 8.72 -0.46 12.38
N SER A 55 8.08 -0.47 13.54
CA SER A 55 8.53 -1.28 14.66
C SER A 55 8.45 -2.77 14.30
N GLY A 56 7.23 -3.24 14.06
CA GLY A 56 7.04 -4.64 13.71
C GLY A 56 6.33 -5.41 14.81
N PRO A 57 5.86 -6.62 14.48
CA PRO A 57 5.15 -7.50 15.43
C PRO A 57 6.08 -8.04 16.51
N SER A 58 5.61 -8.02 17.75
CA SER A 58 6.40 -8.51 18.87
C SER A 58 6.36 -10.04 18.93
N SER A 59 7.49 -10.64 19.29
CA SER A 59 7.59 -12.10 19.39
C SER A 59 6.68 -12.63 20.49
N GLY A 60 6.93 -12.20 21.73
CA GLY A 60 6.12 -12.65 22.84
C GLY A 60 4.85 -11.84 22.99
ZN ZN B . 3.82 -7.18 -4.31
ZN ZN C . 5.30 -2.35 8.85
N GLY A 1 -14.64 22.96 -34.70
CA GLY A 1 -14.94 21.53 -34.64
C GLY A 1 -16.29 21.20 -35.22
N SER A 2 -16.30 20.43 -36.31
CA SER A 2 -17.54 20.04 -36.97
C SER A 2 -18.08 18.75 -36.37
N SER A 3 -17.30 17.68 -36.48
CA SER A 3 -17.71 16.38 -35.96
C SER A 3 -17.01 16.09 -34.63
N GLY A 4 -15.72 16.35 -34.57
CA GLY A 4 -14.96 16.11 -33.36
C GLY A 4 -14.82 14.64 -33.04
N SER A 5 -13.75 14.03 -33.52
CA SER A 5 -13.50 12.61 -33.30
C SER A 5 -12.18 12.40 -32.55
N SER A 6 -12.27 12.14 -31.26
CA SER A 6 -11.08 11.91 -30.44
C SER A 6 -11.36 10.88 -29.36
N GLY A 7 -10.30 10.36 -28.75
CA GLY A 7 -10.44 9.37 -27.70
C GLY A 7 -9.17 9.19 -26.89
N ILE A 8 -9.29 9.29 -25.57
CA ILE A 8 -8.14 9.14 -24.69
C ILE A 8 -8.40 8.09 -23.63
N ASN A 9 -7.33 7.46 -23.14
CA ASN A 9 -7.45 6.44 -22.10
C ASN A 9 -6.47 6.69 -20.97
N GLN A 10 -7.01 7.05 -19.80
CA GLN A 10 -6.17 7.33 -18.64
C GLN A 10 -6.87 6.89 -17.35
N GLN A 11 -6.13 6.19 -16.49
CA GLN A 11 -6.69 5.72 -15.23
C GLN A 11 -5.59 5.59 -14.18
N GLU A 12 -6.00 5.65 -12.91
CA GLU A 12 -5.05 5.54 -11.80
C GLU A 12 -5.33 4.29 -10.96
N ASP A 13 -6.52 4.24 -10.37
CA ASP A 13 -6.93 3.11 -9.54
C ASP A 13 -5.87 2.82 -8.48
N SER A 14 -5.31 3.88 -7.90
CA SER A 14 -4.29 3.75 -6.86
C SER A 14 -4.92 3.77 -5.48
N SER A 15 -5.30 2.60 -4.98
CA SER A 15 -5.92 2.48 -3.67
C SER A 15 -5.63 1.12 -3.05
N GLU A 16 -4.87 1.12 -1.96
CA GLU A 16 -4.53 -0.12 -1.26
C GLU A 16 -3.73 -1.04 -2.17
N SER A 17 -2.78 -0.47 -2.90
CA SER A 17 -1.94 -1.24 -3.82
C SER A 17 -0.67 -1.74 -3.12
N CYS A 18 -0.08 -2.80 -3.67
CA CYS A 18 1.13 -3.36 -3.10
C CYS A 18 2.30 -2.38 -3.22
N TRP A 19 2.90 -2.04 -2.08
CA TRP A 19 4.01 -1.12 -2.04
C TRP A 19 5.16 -1.62 -2.92
N ASN A 20 5.41 -2.92 -2.88
CA ASN A 20 6.48 -3.52 -3.67
C ASN A 20 6.15 -3.46 -5.16
N CYS A 21 5.23 -4.30 -5.60
CA CYS A 21 4.83 -4.33 -7.00
C CYS A 21 4.08 -3.06 -7.39
N GLY A 22 2.86 -2.93 -6.87
CA GLY A 22 2.06 -1.76 -7.17
C GLY A 22 0.72 -2.11 -7.80
N ARG A 23 0.66 -3.26 -8.45
CA ARG A 23 -0.57 -3.72 -9.09
C ARG A 23 -1.72 -3.76 -8.08
N LYS A 24 -1.66 -4.72 -7.16
CA LYS A 24 -2.68 -4.88 -6.15
C LYS A 24 -2.09 -5.42 -4.85
N ALA A 25 -2.81 -5.23 -3.76
CA ALA A 25 -2.36 -5.70 -2.45
C ALA A 25 -3.42 -6.57 -1.78
N SER A 26 -3.02 -7.76 -1.34
CA SER A 26 -3.94 -8.68 -0.68
C SER A 26 -3.68 -8.74 0.82
N GLU A 27 -2.40 -8.68 1.19
CA GLU A 27 -2.01 -8.73 2.59
C GLU A 27 -1.54 -7.36 3.08
N THR A 28 -1.13 -7.29 4.34
CA THR A 28 -0.65 -6.04 4.92
C THR A 28 0.32 -6.31 6.07
N CYS A 29 1.32 -5.45 6.20
CA CYS A 29 2.31 -5.58 7.26
C CYS A 29 1.65 -5.90 8.60
N SER A 30 2.01 -7.05 9.17
CA SER A 30 1.45 -7.47 10.44
C SER A 30 2.18 -6.81 11.61
N GLY A 31 2.85 -5.70 11.32
CA GLY A 31 3.59 -5.00 12.35
C GLY A 31 3.06 -3.60 12.59
N CYS A 32 2.72 -2.90 11.51
CA CYS A 32 2.19 -1.55 11.59
C CYS A 32 0.84 -1.44 10.89
N ASN A 33 0.56 -2.39 10.02
CA ASN A 33 -0.69 -2.41 9.28
C ASN A 33 -0.79 -1.19 8.36
N THR A 34 0.36 -0.75 7.85
CA THR A 34 0.40 0.40 6.95
C THR A 34 0.88 0.00 5.56
N ALA A 35 1.95 -0.80 5.52
CA ALA A 35 2.52 -1.25 4.26
C ALA A 35 1.68 -2.39 3.67
N ARG A 36 1.18 -2.18 2.45
CA ARG A 36 0.36 -3.20 1.78
C ARG A 36 1.22 -4.08 0.89
N TYR A 37 0.76 -5.30 0.66
CA TYR A 37 1.49 -6.26 -0.17
C TYR A 37 0.53 -7.18 -0.90
N CYS A 38 0.96 -7.68 -2.06
CA CYS A 38 0.15 -8.57 -2.86
C CYS A 38 0.15 -9.99 -2.28
N GLY A 39 0.82 -10.15 -1.15
CA GLY A 39 0.88 -11.44 -0.51
C GLY A 39 1.94 -11.51 0.57
N SER A 40 1.74 -12.37 1.56
CA SER A 40 2.68 -12.52 2.66
C SER A 40 4.11 -12.67 2.13
N PHE A 41 4.24 -13.36 1.00
CA PHE A 41 5.55 -13.58 0.39
C PHE A 41 6.21 -12.25 0.02
N CYS A 42 5.44 -11.37 -0.60
CA CYS A 42 5.94 -10.06 -1.00
C CYS A 42 6.29 -9.21 0.21
N GLN A 43 5.70 -9.55 1.35
CA GLN A 43 5.97 -8.82 2.59
C GLN A 43 7.29 -9.26 3.22
N HIS A 44 7.46 -10.57 3.36
CA HIS A 44 8.68 -11.13 3.95
C HIS A 44 9.92 -10.57 3.25
N LYS A 45 9.87 -10.54 1.92
CA LYS A 45 10.99 -10.04 1.13
C LYS A 45 11.12 -8.52 1.28
N ASP A 46 9.98 -7.83 1.35
CA ASP A 46 9.98 -6.38 1.49
C ASP A 46 9.85 -5.99 2.96
N TRP A 47 10.04 -6.95 3.85
CA TRP A 47 9.94 -6.70 5.28
C TRP A 47 11.27 -6.22 5.84
N GLU A 48 12.29 -7.07 5.74
CA GLU A 48 13.62 -6.72 6.25
C GLU A 48 14.01 -5.31 5.82
N LYS A 49 13.35 -4.80 4.78
CA LYS A 49 13.63 -3.47 4.28
C LYS A 49 12.63 -2.46 4.82
N HIS A 50 11.35 -2.86 4.84
CA HIS A 50 10.29 -1.99 5.34
C HIS A 50 10.41 -1.81 6.85
N HIS A 51 10.50 -2.92 7.57
CA HIS A 51 10.61 -2.87 9.03
C HIS A 51 11.59 -1.79 9.46
N HIS A 52 12.48 -1.40 8.55
CA HIS A 52 13.47 -0.36 8.84
C HIS A 52 12.80 0.97 9.14
N ILE A 53 11.48 1.00 9.00
CA ILE A 53 10.71 2.22 9.24
C ILE A 53 9.65 1.99 10.31
N CYS A 54 9.14 0.77 10.39
CA CYS A 54 8.11 0.43 11.36
C CYS A 54 8.68 -0.48 12.44
N SER A 55 8.06 -0.46 13.61
CA SER A 55 8.50 -1.28 14.73
C SER A 55 8.39 -2.76 14.39
N GLY A 56 7.18 -3.21 14.10
CA GLY A 56 6.96 -4.60 13.76
C GLY A 56 6.18 -5.34 14.84
N PRO A 57 5.76 -6.57 14.52
CA PRO A 57 5.00 -7.41 15.46
C PRO A 57 5.85 -7.89 16.62
N SER A 58 7.06 -7.35 16.73
CA SER A 58 7.98 -7.72 17.81
C SER A 58 8.27 -9.22 17.78
N SER A 59 8.69 -9.71 16.61
CA SER A 59 9.00 -11.12 16.45
C SER A 59 10.01 -11.58 17.49
N GLY A 60 11.01 -10.75 17.75
CA GLY A 60 12.03 -11.09 18.72
C GLY A 60 12.95 -9.93 19.04
ZN ZN B . 3.80 -7.25 -4.27
ZN ZN C . 5.30 -2.37 8.85
N GLY A 1 -11.96 30.62 -31.48
CA GLY A 1 -12.82 31.04 -30.38
C GLY A 1 -14.04 30.15 -30.23
N SER A 2 -14.97 30.57 -29.38
CA SER A 2 -16.18 29.80 -29.13
C SER A 2 -15.85 28.44 -28.51
N SER A 3 -14.93 28.45 -27.56
CA SER A 3 -14.52 27.21 -26.88
C SER A 3 -15.13 27.13 -25.49
N GLY A 4 -14.94 26.00 -24.84
CA GLY A 4 -15.47 25.80 -23.50
C GLY A 4 -15.43 24.35 -23.06
N SER A 5 -14.47 24.01 -22.21
CA SER A 5 -14.32 22.65 -21.72
C SER A 5 -13.23 22.57 -20.67
N SER A 6 -13.53 21.88 -19.57
CA SER A 6 -12.56 21.73 -18.48
C SER A 6 -12.76 20.40 -17.77
N GLY A 7 -11.87 20.10 -16.81
CA GLY A 7 -11.96 18.85 -16.07
C GLY A 7 -11.22 18.92 -14.75
N ILE A 8 -11.92 18.60 -13.67
CA ILE A 8 -11.31 18.61 -12.34
C ILE A 8 -11.95 17.55 -11.44
N ASN A 9 -11.11 16.76 -10.78
CA ASN A 9 -11.58 15.71 -9.88
C ASN A 9 -10.61 15.51 -8.73
N GLN A 10 -11.13 14.99 -7.61
CA GLN A 10 -10.30 14.75 -6.44
C GLN A 10 -10.77 13.49 -5.71
N GLN A 11 -9.85 12.89 -4.94
CA GLN A 11 -10.17 11.68 -4.19
C GLN A 11 -9.24 11.53 -2.99
N GLU A 12 -9.79 11.03 -1.88
CA GLU A 12 -9.00 10.83 -0.67
C GLU A 12 -9.57 9.68 0.16
N ASP A 13 -8.83 8.58 0.21
CA ASP A 13 -9.25 7.41 0.98
C ASP A 13 -8.14 6.37 1.03
N SER A 14 -8.29 5.40 1.92
CA SER A 14 -7.29 4.34 2.08
C SER A 14 -7.32 3.39 0.89
N SER A 15 -6.39 3.61 -0.05
CA SER A 15 -6.31 2.78 -1.25
C SER A 15 -5.73 1.41 -0.92
N GLU A 16 -5.68 0.53 -1.92
CA GLU A 16 -5.14 -0.81 -1.73
C GLU A 16 -4.19 -1.17 -2.86
N SER A 17 -2.90 -0.96 -2.63
CA SER A 17 -1.88 -1.25 -3.63
C SER A 17 -0.61 -1.76 -2.97
N CYS A 18 -0.05 -2.84 -3.53
CA CYS A 18 1.17 -3.43 -3.00
C CYS A 18 2.34 -2.45 -3.11
N TRP A 19 2.94 -2.12 -1.96
CA TRP A 19 4.06 -1.20 -1.93
C TRP A 19 5.20 -1.68 -2.82
N ASN A 20 5.51 -2.98 -2.72
CA ASN A 20 6.58 -3.57 -3.51
C ASN A 20 6.27 -3.46 -5.01
N CYS A 21 5.34 -4.29 -5.47
CA CYS A 21 4.96 -4.29 -6.89
C CYS A 21 4.21 -3.01 -7.23
N GLY A 22 2.97 -2.91 -6.75
CA GLY A 22 2.17 -1.73 -7.03
C GLY A 22 0.84 -2.08 -7.68
N ARG A 23 0.81 -3.18 -8.41
CA ARG A 23 -0.41 -3.62 -9.09
C ARG A 23 -1.58 -3.68 -8.11
N LYS A 24 -1.53 -4.64 -7.19
CA LYS A 24 -2.58 -4.79 -6.19
C LYS A 24 -2.02 -5.37 -4.90
N ALA A 25 -2.75 -5.16 -3.81
CA ALA A 25 -2.33 -5.66 -2.50
C ALA A 25 -3.42 -6.50 -1.86
N SER A 26 -3.04 -7.68 -1.37
CA SER A 26 -3.99 -8.58 -0.73
C SER A 26 -3.72 -8.69 0.77
N GLU A 27 -2.45 -8.58 1.14
CA GLU A 27 -2.06 -8.67 2.54
C GLU A 27 -1.58 -7.31 3.05
N THR A 28 -1.09 -7.29 4.30
CA THR A 28 -0.61 -6.06 4.92
C THR A 28 0.42 -6.36 5.99
N CYS A 29 1.40 -5.47 6.13
CA CYS A 29 2.46 -5.63 7.12
C CYS A 29 1.87 -6.02 8.47
N SER A 30 2.28 -7.18 8.98
CA SER A 30 1.79 -7.67 10.26
C SER A 30 2.55 -7.02 11.42
N GLY A 31 2.86 -5.74 11.26
CA GLY A 31 3.60 -5.03 12.30
C GLY A 31 3.05 -3.64 12.54
N CYS A 32 2.71 -2.94 11.46
CA CYS A 32 2.19 -1.59 11.55
C CYS A 32 0.85 -1.47 10.82
N ASN A 33 0.50 -2.51 10.07
CA ASN A 33 -0.75 -2.53 9.32
C ASN A 33 -0.86 -1.30 8.43
N THR A 34 0.27 -0.85 7.89
CA THR A 34 0.29 0.31 7.02
C THR A 34 0.78 -0.05 5.63
N ALA A 35 1.85 -0.85 5.58
CA ALA A 35 2.43 -1.28 4.30
C ALA A 35 1.58 -2.37 3.66
N ARG A 36 1.13 -2.12 2.44
CA ARG A 36 0.30 -3.09 1.72
C ARG A 36 1.17 -4.00 0.86
N TYR A 37 0.68 -5.21 0.61
CA TYR A 37 1.42 -6.18 -0.20
C TYR A 37 0.46 -7.10 -0.95
N CYS A 38 0.94 -7.66 -2.06
CA CYS A 38 0.12 -8.56 -2.87
C CYS A 38 0.09 -9.96 -2.26
N GLY A 39 0.78 -10.13 -1.14
CA GLY A 39 0.81 -11.42 -0.49
C GLY A 39 1.88 -11.49 0.59
N SER A 40 1.61 -12.28 1.63
CA SER A 40 2.56 -12.43 2.73
C SER A 40 3.98 -12.63 2.21
N PHE A 41 4.09 -13.34 1.10
CA PHE A 41 5.40 -13.61 0.50
C PHE A 41 6.09 -12.30 0.11
N CYS A 42 5.34 -11.41 -0.53
CA CYS A 42 5.88 -10.12 -0.95
C CYS A 42 6.29 -9.27 0.25
N GLN A 43 5.67 -9.55 1.39
CA GLN A 43 5.97 -8.81 2.61
C GLN A 43 7.27 -9.30 3.24
N HIS A 44 7.42 -10.62 3.31
CA HIS A 44 8.62 -11.22 3.89
C HIS A 44 9.88 -10.66 3.23
N LYS A 45 9.89 -10.64 1.90
CA LYS A 45 11.03 -10.13 1.15
C LYS A 45 11.08 -8.61 1.22
N ASP A 46 9.93 -7.98 1.43
CA ASP A 46 9.86 -6.53 1.51
C ASP A 46 9.72 -6.07 2.97
N TRP A 47 10.02 -6.98 3.90
CA TRP A 47 9.92 -6.68 5.32
C TRP A 47 11.25 -6.17 5.85
N GLU A 48 12.27 -7.02 5.82
CA GLU A 48 13.59 -6.64 6.30
C GLU A 48 13.97 -5.23 5.83
N LYS A 49 13.33 -4.79 4.76
CA LYS A 49 13.60 -3.46 4.20
C LYS A 49 12.59 -2.45 4.73
N HIS A 50 11.32 -2.85 4.77
CA HIS A 50 10.27 -1.97 5.26
C HIS A 50 10.39 -1.74 6.76
N HIS A 51 10.49 -2.84 7.51
CA HIS A 51 10.61 -2.75 8.96
C HIS A 51 11.58 -1.64 9.36
N HIS A 52 12.46 -1.27 8.44
CA HIS A 52 13.43 -0.22 8.70
C HIS A 52 12.74 1.10 9.00
N ILE A 53 11.43 1.12 8.87
CA ILE A 53 10.64 2.33 9.13
C ILE A 53 9.61 2.08 10.23
N CYS A 54 9.08 0.86 10.28
CA CYS A 54 8.08 0.50 11.28
C CYS A 54 8.69 -0.41 12.35
N SER A 55 8.06 -0.43 13.51
CA SER A 55 8.54 -1.25 14.62
C SER A 55 8.44 -2.73 14.28
N GLY A 56 7.21 -3.21 14.13
CA GLY A 56 7.00 -4.61 13.81
C GLY A 56 6.28 -5.36 14.91
N PRO A 57 5.78 -6.57 14.59
CA PRO A 57 5.06 -7.41 15.55
C PRO A 57 5.97 -7.96 16.64
N SER A 58 7.21 -8.29 16.28
CA SER A 58 8.17 -8.83 17.23
C SER A 58 9.25 -7.79 17.55
N SER A 59 9.93 -7.98 18.68
CA SER A 59 10.99 -7.07 19.10
C SER A 59 12.35 -7.74 19.04
N GLY A 60 13.35 -7.01 18.54
CA GLY A 60 14.69 -7.55 18.43
C GLY A 60 15.61 -7.02 19.50
ZN ZN B . 3.84 -7.28 -4.29
ZN ZN C . 5.30 -2.33 8.78
N GLY A 1 -37.03 20.78 -11.73
CA GLY A 1 -35.72 21.33 -11.97
C GLY A 1 -34.81 20.36 -12.71
N SER A 2 -33.57 20.78 -12.96
CA SER A 2 -32.62 19.94 -13.67
C SER A 2 -31.30 19.84 -12.89
N SER A 3 -30.59 18.74 -13.09
CA SER A 3 -29.32 18.51 -12.41
C SER A 3 -28.46 17.51 -13.18
N GLY A 4 -27.26 17.96 -13.57
CA GLY A 4 -26.36 17.09 -14.31
C GLY A 4 -26.42 15.66 -13.83
N SER A 5 -26.18 14.72 -14.75
CA SER A 5 -26.21 13.30 -14.41
C SER A 5 -24.93 12.89 -13.67
N SER A 6 -25.06 12.65 -12.37
CA SER A 6 -23.92 12.25 -11.55
C SER A 6 -23.38 10.89 -11.99
N GLY A 7 -22.07 10.72 -11.89
CA GLY A 7 -21.45 9.46 -12.27
C GLY A 7 -19.97 9.60 -12.51
N ILE A 8 -19.58 9.73 -13.77
CA ILE A 8 -18.18 9.87 -14.13
C ILE A 8 -17.56 11.10 -13.48
N ASN A 9 -16.37 10.91 -12.89
CA ASN A 9 -15.67 12.01 -12.23
C ASN A 9 -14.17 11.81 -12.30
N GLN A 10 -13.43 12.80 -11.80
CA GLN A 10 -11.96 12.74 -11.81
C GLN A 10 -11.43 12.19 -10.49
N GLN A 11 -11.82 10.98 -10.15
CA GLN A 11 -11.39 10.34 -8.91
C GLN A 11 -10.27 9.33 -9.18
N GLU A 12 -9.20 9.42 -8.39
CA GLU A 12 -8.07 8.53 -8.54
C GLU A 12 -7.11 8.64 -7.35
N ASP A 13 -6.87 7.52 -6.69
CA ASP A 13 -5.98 7.49 -5.53
C ASP A 13 -5.62 6.07 -5.15
N SER A 14 -4.34 5.73 -5.29
CA SER A 14 -3.87 4.38 -4.97
C SER A 14 -3.86 4.16 -3.45
N SER A 15 -4.98 3.66 -2.93
CA SER A 15 -5.10 3.40 -1.51
C SER A 15 -4.66 1.99 -1.16
N GLU A 16 -5.24 1.02 -1.86
CA GLU A 16 -4.90 -0.39 -1.64
C GLU A 16 -4.04 -0.93 -2.77
N SER A 17 -2.73 -0.73 -2.65
CA SER A 17 -1.79 -1.19 -3.67
C SER A 17 -0.51 -1.69 -3.04
N CYS A 18 -0.01 -2.83 -3.54
CA CYS A 18 1.21 -3.42 -3.02
C CYS A 18 2.39 -2.45 -3.14
N TRP A 19 2.99 -2.11 -2.01
CA TRP A 19 4.12 -1.18 -1.99
C TRP A 19 5.24 -1.69 -2.88
N ASN A 20 5.54 -2.98 -2.78
CA ASN A 20 6.60 -3.59 -3.58
C ASN A 20 6.28 -3.50 -5.06
N CYS A 21 5.34 -4.32 -5.51
CA CYS A 21 4.94 -4.33 -6.92
C CYS A 21 4.18 -3.07 -7.28
N GLY A 22 2.95 -2.97 -6.78
CA GLY A 22 2.14 -1.80 -7.06
C GLY A 22 0.81 -2.16 -7.70
N ARG A 23 0.78 -3.28 -8.42
CA ARG A 23 -0.43 -3.73 -9.08
C ARG A 23 -1.61 -3.77 -8.12
N LYS A 24 -1.55 -4.71 -7.17
CA LYS A 24 -2.60 -4.86 -6.17
C LYS A 24 -2.06 -5.44 -4.89
N ALA A 25 -2.71 -5.13 -3.77
CA ALA A 25 -2.29 -5.63 -2.46
C ALA A 25 -3.40 -6.44 -1.80
N SER A 26 -3.07 -7.64 -1.33
CA SER A 26 -4.03 -8.50 -0.68
C SER A 26 -3.75 -8.60 0.82
N GLU A 27 -2.47 -8.58 1.18
CA GLU A 27 -2.07 -8.66 2.57
C GLU A 27 -1.60 -7.31 3.09
N THR A 28 -1.14 -7.29 4.35
CA THR A 28 -0.66 -6.05 4.95
C THR A 28 0.37 -6.35 6.04
N CYS A 29 1.38 -5.48 6.14
CA CYS A 29 2.42 -5.65 7.14
C CYS A 29 1.83 -6.02 8.50
N SER A 30 2.19 -7.20 9.00
CA SER A 30 1.69 -7.68 10.29
C SER A 30 2.47 -7.05 11.43
N GLY A 31 2.81 -5.77 11.29
CA GLY A 31 3.56 -5.08 12.32
C GLY A 31 3.04 -3.68 12.57
N CYS A 32 2.70 -2.98 11.49
CA CYS A 32 2.19 -1.61 11.60
C CYS A 32 0.84 -1.48 10.90
N ASN A 33 0.50 -2.48 10.11
CA ASN A 33 -0.77 -2.48 9.39
C ASN A 33 -0.87 -1.26 8.48
N THR A 34 0.25 -0.85 7.91
CA THR A 34 0.30 0.30 7.03
C THR A 34 0.79 -0.08 5.64
N ALA A 35 1.86 -0.88 5.59
CA ALA A 35 2.43 -1.32 4.33
C ALA A 35 1.55 -2.39 3.69
N ARG A 36 1.20 -2.18 2.42
CA ARG A 36 0.36 -3.13 1.69
C ARG A 36 1.22 -4.05 0.84
N TYR A 37 0.72 -5.27 0.61
CA TYR A 37 1.45 -6.24 -0.19
C TYR A 37 0.48 -7.18 -0.90
N CYS A 38 0.89 -7.67 -2.07
CA CYS A 38 0.06 -8.58 -2.86
C CYS A 38 0.03 -9.97 -2.22
N GLY A 39 0.76 -10.13 -1.13
CA GLY A 39 0.81 -11.41 -0.45
C GLY A 39 1.94 -11.49 0.55
N SER A 40 1.68 -12.14 1.69
CA SER A 40 2.69 -12.29 2.74
C SER A 40 4.07 -12.46 2.13
N PHE A 41 4.18 -13.34 1.14
CA PHE A 41 5.45 -13.61 0.48
C PHE A 41 6.13 -12.31 0.08
N CYS A 42 5.36 -11.40 -0.53
CA CYS A 42 5.89 -10.12 -0.96
C CYS A 42 6.26 -9.25 0.23
N GLN A 43 5.65 -9.53 1.38
CA GLN A 43 5.93 -8.77 2.59
C GLN A 43 7.23 -9.22 3.24
N HIS A 44 7.40 -10.54 3.38
CA HIS A 44 8.60 -11.09 3.97
C HIS A 44 9.85 -10.58 3.25
N LYS A 45 9.80 -10.56 1.93
CA LYS A 45 10.92 -10.09 1.12
C LYS A 45 11.08 -8.58 1.24
N ASP A 46 9.95 -7.88 1.35
CA ASP A 46 9.98 -6.43 1.47
C ASP A 46 9.85 -6.00 2.92
N TRP A 47 10.04 -6.95 3.84
CA TRP A 47 9.94 -6.67 5.27
C TRP A 47 11.26 -6.16 5.81
N GLU A 48 12.29 -7.01 5.77
CA GLU A 48 13.60 -6.65 6.27
C GLU A 48 13.98 -5.23 5.81
N LYS A 49 13.35 -4.78 4.73
CA LYS A 49 13.61 -3.44 4.20
C LYS A 49 12.60 -2.43 4.73
N HIS A 50 11.33 -2.83 4.76
CA HIS A 50 10.27 -1.95 5.25
C HIS A 50 10.39 -1.74 6.76
N HIS A 51 10.48 -2.84 7.50
CA HIS A 51 10.60 -2.78 8.95
C HIS A 51 11.57 -1.68 9.36
N HIS A 52 12.45 -1.29 8.45
CA HIS A 52 13.43 -0.25 8.72
C HIS A 52 12.75 1.08 9.03
N ILE A 53 11.43 1.10 8.90
CA ILE A 53 10.65 2.31 9.16
C ILE A 53 9.61 2.06 10.24
N CYS A 54 9.09 0.84 10.28
CA CYS A 54 8.08 0.47 11.28
C CYS A 54 8.67 -0.44 12.35
N SER A 55 8.00 -0.54 13.48
CA SER A 55 8.46 -1.36 14.59
C SER A 55 8.40 -2.85 14.22
N GLY A 56 7.17 -3.36 14.08
CA GLY A 56 7.00 -4.76 13.74
C GLY A 56 6.31 -5.56 14.84
N PRO A 57 5.82 -6.75 14.49
CA PRO A 57 5.12 -7.63 15.44
C PRO A 57 6.07 -8.21 16.48
N SER A 58 7.30 -8.49 16.07
CA SER A 58 8.31 -9.06 16.96
C SER A 58 9.03 -7.96 17.74
N SER A 59 9.00 -8.05 19.06
CA SER A 59 9.64 -7.06 19.92
C SER A 59 11.09 -7.46 20.20
N GLY A 60 11.26 -8.59 20.87
CA GLY A 60 12.60 -9.07 21.20
C GLY A 60 12.70 -10.58 21.13
ZN ZN B . 3.81 -7.33 -4.31
ZN ZN C . 5.29 -2.37 8.78
N GLY A 1 -15.98 34.69 -21.23
CA GLY A 1 -16.30 33.38 -21.75
C GLY A 1 -17.17 32.58 -20.81
N SER A 2 -17.91 31.62 -21.37
CA SER A 2 -18.79 30.77 -20.56
C SER A 2 -18.06 29.54 -20.07
N SER A 3 -18.42 29.09 -18.87
CA SER A 3 -17.79 27.91 -18.27
C SER A 3 -18.73 26.72 -18.32
N GLY A 4 -18.20 25.54 -17.98
CA GLY A 4 -19.01 24.33 -18.00
C GLY A 4 -18.27 23.15 -18.58
N SER A 5 -17.73 22.30 -17.71
CA SER A 5 -16.99 21.13 -18.16
C SER A 5 -17.68 19.84 -17.70
N SER A 6 -17.86 18.92 -18.63
CA SER A 6 -18.51 17.64 -18.34
C SER A 6 -17.50 16.62 -17.83
N GLY A 7 -17.46 16.43 -16.51
CA GLY A 7 -16.54 15.48 -15.92
C GLY A 7 -16.52 15.54 -14.41
N ILE A 8 -16.65 14.38 -13.77
CA ILE A 8 -16.65 14.32 -12.31
C ILE A 8 -15.76 13.20 -11.82
N ASN A 9 -14.80 13.55 -10.97
CA ASN A 9 -13.87 12.57 -10.41
C ASN A 9 -13.43 12.97 -9.00
N GLN A 10 -13.60 12.05 -8.06
CA GLN A 10 -13.23 12.31 -6.67
C GLN A 10 -12.19 11.30 -6.19
N GLN A 11 -12.55 10.02 -6.26
CA GLN A 11 -11.64 8.96 -5.83
C GLN A 11 -11.81 7.72 -6.71
N GLU A 12 -10.68 7.09 -7.05
CA GLU A 12 -10.69 5.91 -7.90
C GLU A 12 -9.91 4.76 -7.24
N ASP A 13 -9.76 4.85 -5.92
CA ASP A 13 -9.04 3.82 -5.18
C ASP A 13 -9.07 4.11 -3.67
N SER A 14 -8.85 3.08 -2.87
CA SER A 14 -8.86 3.22 -1.42
C SER A 14 -7.48 2.94 -0.83
N SER A 15 -6.46 3.59 -1.38
CA SER A 15 -5.09 3.41 -0.91
C SER A 15 -4.77 1.94 -0.76
N GLU A 16 -5.20 1.13 -1.73
CA GLU A 16 -4.95 -0.30 -1.70
C GLU A 16 -4.06 -0.73 -2.87
N SER A 17 -2.75 -0.76 -2.63
CA SER A 17 -1.79 -1.15 -3.65
C SER A 17 -0.49 -1.63 -3.02
N CYS A 18 -0.04 -2.81 -3.45
CA CYS A 18 1.19 -3.40 -2.94
C CYS A 18 2.35 -2.40 -3.04
N TRP A 19 2.94 -2.07 -1.90
CA TRP A 19 4.05 -1.13 -1.86
C TRP A 19 5.19 -1.61 -2.75
N ASN A 20 5.53 -2.90 -2.64
CA ASN A 20 6.60 -3.48 -3.44
C ASN A 20 6.30 -3.35 -4.93
N CYS A 21 5.40 -4.18 -5.41
CA CYS A 21 5.01 -4.17 -6.82
C CYS A 21 4.24 -2.91 -7.16
N GLY A 22 3.00 -2.83 -6.70
CA GLY A 22 2.18 -1.66 -6.96
C GLY A 22 0.84 -2.03 -7.56
N ARG A 23 0.81 -3.10 -8.35
CA ARG A 23 -0.41 -3.55 -9.00
C ARG A 23 -1.56 -3.62 -8.00
N LYS A 24 -1.53 -4.63 -7.14
CA LYS A 24 -2.56 -4.82 -6.12
C LYS A 24 -1.98 -5.40 -4.84
N ALA A 25 -2.70 -5.24 -3.74
CA ALA A 25 -2.25 -5.74 -2.45
C ALA A 25 -3.32 -6.61 -1.80
N SER A 26 -2.94 -7.81 -1.38
CA SER A 26 -3.87 -8.73 -0.75
C SER A 26 -3.64 -8.79 0.76
N GLU A 27 -2.38 -8.71 1.17
CA GLU A 27 -2.02 -8.76 2.58
C GLU A 27 -1.54 -7.39 3.06
N THR A 28 -1.14 -7.33 4.33
CA THR A 28 -0.65 -6.08 4.90
C THR A 28 0.33 -6.35 6.05
N CYS A 29 1.28 -5.45 6.23
CA CYS A 29 2.28 -5.58 7.28
C CYS A 29 1.61 -5.78 8.64
N SER A 30 1.70 -7.00 9.17
CA SER A 30 1.10 -7.32 10.46
C SER A 30 1.84 -6.62 11.59
N GLY A 31 2.88 -5.87 11.24
CA GLY A 31 3.67 -5.16 12.24
C GLY A 31 3.11 -3.78 12.52
N CYS A 32 2.79 -3.04 11.46
CA CYS A 32 2.25 -1.70 11.60
C CYS A 32 0.87 -1.58 10.96
N ASN A 33 0.58 -2.51 10.04
CA ASN A 33 -0.71 -2.52 9.36
C ASN A 33 -0.85 -1.29 8.46
N THR A 34 0.27 -0.82 7.92
CA THR A 34 0.27 0.35 7.05
C THR A 34 0.77 -0.01 5.66
N ALA A 35 1.81 -0.83 5.60
CA ALA A 35 2.39 -1.26 4.33
C ALA A 35 1.59 -2.40 3.71
N ARG A 36 1.10 -2.18 2.49
CA ARG A 36 0.32 -3.19 1.79
C ARG A 36 1.22 -4.07 0.93
N TYR A 37 0.74 -5.28 0.64
CA TYR A 37 1.50 -6.22 -0.18
C TYR A 37 0.56 -7.14 -0.95
N CYS A 38 1.07 -7.69 -2.06
CA CYS A 38 0.28 -8.58 -2.90
C CYS A 38 0.29 -9.99 -2.33
N GLY A 39 0.81 -10.14 -1.12
CA GLY A 39 0.86 -11.44 -0.48
C GLY A 39 1.98 -11.55 0.53
N SER A 40 1.72 -12.24 1.64
CA SER A 40 2.72 -12.42 2.68
C SER A 40 4.12 -12.56 2.09
N PHE A 41 4.22 -13.37 1.04
CA PHE A 41 5.50 -13.61 0.38
C PHE A 41 6.18 -12.28 0.03
N CYS A 42 5.41 -11.36 -0.55
CA CYS A 42 5.93 -10.05 -0.92
C CYS A 42 6.27 -9.22 0.31
N GLN A 43 5.62 -9.54 1.42
CA GLN A 43 5.86 -8.82 2.67
C GLN A 43 7.16 -9.27 3.32
N HIS A 44 7.33 -10.57 3.46
CA HIS A 44 8.54 -11.12 4.06
C HIS A 44 9.79 -10.66 3.33
N LYS A 45 9.75 -10.75 2.00
CA LYS A 45 10.88 -10.33 1.17
C LYS A 45 11.06 -8.81 1.23
N ASP A 46 9.96 -8.10 1.43
CA ASP A 46 10.00 -6.64 1.51
C ASP A 46 9.89 -6.17 2.95
N TRP A 47 10.06 -7.10 3.89
CA TRP A 47 9.98 -6.77 5.31
C TRP A 47 11.31 -6.21 5.81
N GLU A 48 12.36 -7.03 5.75
CA GLU A 48 13.68 -6.60 6.20
C GLU A 48 14.01 -5.20 5.69
N LYS A 49 13.31 -4.79 4.62
CA LYS A 49 13.53 -3.47 4.04
C LYS A 49 12.52 -2.47 4.57
N HIS A 50 11.26 -2.87 4.65
CA HIS A 50 10.19 -2.01 5.14
C HIS A 50 10.34 -1.77 6.64
N HIS A 51 10.47 -2.85 7.40
CA HIS A 51 10.62 -2.76 8.85
C HIS A 51 11.58 -1.64 9.22
N HIS A 52 12.44 -1.26 8.28
CA HIS A 52 13.42 -0.20 8.51
C HIS A 52 12.71 1.12 8.80
N ILE A 53 11.39 1.12 8.71
CA ILE A 53 10.60 2.33 8.96
C ILE A 53 9.58 2.08 10.07
N CYS A 54 9.08 0.86 10.16
CA CYS A 54 8.10 0.51 11.17
C CYS A 54 8.73 -0.38 12.25
N SER A 55 8.03 -0.53 13.37
CA SER A 55 8.52 -1.34 14.48
C SER A 55 8.40 -2.82 14.15
N GLY A 56 7.16 -3.29 14.00
CA GLY A 56 6.94 -4.69 13.68
C GLY A 56 6.07 -5.38 14.72
N PRO A 57 5.66 -6.63 14.42
CA PRO A 57 4.82 -7.42 15.33
C PRO A 57 5.58 -7.87 16.57
N SER A 58 5.01 -8.83 17.29
CA SER A 58 5.62 -9.35 18.49
C SER A 58 6.24 -10.72 18.25
N SER A 59 6.88 -10.87 17.10
CA SER A 59 7.51 -12.14 16.73
C SER A 59 9.00 -11.93 16.44
N GLY A 60 9.30 -11.07 15.49
CA GLY A 60 10.68 -10.79 15.14
C GLY A 60 11.35 -9.85 16.11
ZN ZN B . 3.94 -7.18 -4.26
ZN ZN C . 5.32 -2.38 8.74
N GLY A 1 -13.75 22.08 -38.75
CA GLY A 1 -14.95 21.65 -38.06
C GLY A 1 -15.10 22.29 -36.69
N SER A 2 -16.34 22.56 -36.30
CA SER A 2 -16.61 23.18 -35.01
C SER A 2 -16.38 22.19 -33.87
N SER A 3 -15.53 22.58 -32.93
CA SER A 3 -15.21 21.73 -31.78
C SER A 3 -14.70 22.56 -30.61
N GLY A 4 -14.54 21.91 -29.47
CA GLY A 4 -14.04 22.61 -28.29
C GLY A 4 -12.59 22.32 -27.99
N SER A 5 -11.99 23.08 -27.09
CA SER A 5 -10.60 22.91 -26.73
C SER A 5 -10.43 22.79 -25.22
N SER A 6 -10.45 21.55 -24.73
CA SER A 6 -10.31 21.30 -23.30
C SER A 6 -9.89 19.86 -23.04
N GLY A 7 -9.05 19.66 -22.02
CA GLY A 7 -8.59 18.33 -21.69
C GLY A 7 -8.91 17.94 -20.26
N ILE A 8 -8.75 16.67 -19.94
CA ILE A 8 -9.02 16.18 -18.59
C ILE A 8 -7.98 15.14 -18.17
N ASN A 9 -7.20 15.48 -17.15
CA ASN A 9 -6.17 14.59 -16.63
C ASN A 9 -6.73 13.18 -16.43
N GLN A 10 -5.86 12.19 -16.51
CA GLN A 10 -6.26 10.79 -16.33
C GLN A 10 -6.39 10.45 -14.86
N GLN A 11 -7.44 9.70 -14.52
CA GLN A 11 -7.68 9.30 -13.14
C GLN A 11 -6.81 8.11 -12.75
N GLU A 12 -5.69 8.39 -12.09
CA GLU A 12 -4.76 7.34 -11.67
C GLU A 12 -4.14 7.68 -10.32
N ASP A 13 -4.29 6.78 -9.37
CA ASP A 13 -3.74 6.98 -8.03
C ASP A 13 -3.51 5.64 -7.32
N SER A 14 -2.65 5.64 -6.31
CA SER A 14 -2.34 4.43 -5.57
C SER A 14 -3.47 4.07 -4.61
N SER A 15 -4.15 2.96 -4.89
CA SER A 15 -5.27 2.52 -4.06
C SER A 15 -5.05 1.08 -3.58
N GLU A 16 -4.86 0.92 -2.27
CA GLU A 16 -4.65 -0.40 -1.70
C GLU A 16 -3.70 -1.22 -2.56
N SER A 17 -2.82 -0.54 -3.29
CA SER A 17 -1.86 -1.20 -4.17
C SER A 17 -0.66 -1.71 -3.38
N CYS A 18 -0.05 -2.77 -3.87
CA CYS A 18 1.12 -3.36 -3.21
C CYS A 18 2.29 -2.39 -3.23
N TRP A 19 2.84 -2.11 -2.05
CA TRP A 19 3.98 -1.20 -1.94
C TRP A 19 5.15 -1.69 -2.78
N ASN A 20 5.48 -2.97 -2.65
CA ASN A 20 6.58 -3.55 -3.40
C ASN A 20 6.34 -3.46 -4.90
N CYS A 21 5.45 -4.31 -5.41
CA CYS A 21 5.12 -4.31 -6.83
C CYS A 21 4.51 -2.97 -7.25
N GLY A 22 3.28 -2.73 -6.82
CA GLY A 22 2.61 -1.49 -7.16
C GLY A 22 1.42 -1.71 -8.09
N ARG A 23 0.69 -2.80 -7.85
CA ARG A 23 -0.47 -3.12 -8.67
C ARG A 23 -1.67 -3.47 -7.80
N LYS A 24 -1.57 -4.59 -7.09
CA LYS A 24 -2.65 -5.04 -6.22
C LYS A 24 -2.10 -5.54 -4.89
N ALA A 25 -2.82 -5.27 -3.81
CA ALA A 25 -2.41 -5.70 -2.48
C ALA A 25 -3.54 -6.42 -1.75
N SER A 26 -3.24 -7.61 -1.23
CA SER A 26 -4.24 -8.39 -0.52
C SER A 26 -3.87 -8.53 0.95
N GLU A 27 -2.57 -8.56 1.23
CA GLU A 27 -2.07 -8.70 2.59
C GLU A 27 -1.68 -7.34 3.17
N THR A 28 -1.16 -7.35 4.40
CA THR A 28 -0.74 -6.11 5.05
C THR A 28 0.29 -6.40 6.13
N CYS A 29 1.27 -5.51 6.24
CA CYS A 29 2.33 -5.66 7.24
C CYS A 29 1.74 -6.01 8.61
N SER A 30 2.13 -7.17 9.14
CA SER A 30 1.65 -7.61 10.44
C SER A 30 2.42 -6.95 11.57
N GLY A 31 2.96 -5.76 11.30
CA GLY A 31 3.72 -5.05 12.31
C GLY A 31 3.16 -3.67 12.57
N CYS A 32 2.78 -2.97 11.51
CA CYS A 32 2.22 -1.62 11.63
C CYS A 32 0.85 -1.53 10.95
N ASN A 33 0.55 -2.52 10.12
CA ASN A 33 -0.73 -2.55 9.41
C ASN A 33 -0.88 -1.34 8.51
N THR A 34 0.24 -0.90 7.94
CA THR A 34 0.23 0.25 7.03
C THR A 34 0.74 -0.12 5.65
N ALA A 35 1.80 -0.91 5.61
CA ALA A 35 2.38 -1.34 4.34
C ALA A 35 1.55 -2.46 3.71
N ARG A 36 1.08 -2.24 2.49
CA ARG A 36 0.27 -3.23 1.79
C ARG A 36 1.15 -4.12 0.91
N TYR A 37 0.68 -5.34 0.67
CA TYR A 37 1.41 -6.29 -0.15
C TYR A 37 0.47 -7.20 -0.92
N CYS A 38 0.94 -7.70 -2.06
CA CYS A 38 0.12 -8.60 -2.89
C CYS A 38 0.10 -10.01 -2.30
N GLY A 39 0.86 -10.21 -1.23
CA GLY A 39 0.91 -11.51 -0.59
C GLY A 39 1.95 -11.58 0.51
N SER A 40 1.66 -12.38 1.53
CA SER A 40 2.57 -12.52 2.67
C SER A 40 4.02 -12.65 2.19
N PHE A 41 4.21 -13.41 1.11
CA PHE A 41 5.53 -13.61 0.55
C PHE A 41 6.19 -12.28 0.19
N CYS A 42 5.46 -11.44 -0.53
CA CYS A 42 5.96 -10.13 -0.93
C CYS A 42 6.35 -9.30 0.28
N GLN A 43 5.73 -9.59 1.41
CA GLN A 43 6.01 -8.86 2.65
C GLN A 43 7.29 -9.36 3.29
N HIS A 44 7.43 -10.67 3.42
CA HIS A 44 8.61 -11.27 4.01
C HIS A 44 9.88 -10.79 3.31
N LYS A 45 9.83 -10.71 1.99
CA LYS A 45 10.97 -10.26 1.21
C LYS A 45 11.12 -8.74 1.28
N ASP A 46 9.99 -8.04 1.43
CA ASP A 46 10.00 -6.59 1.52
C ASP A 46 9.86 -6.14 2.98
N TRP A 47 10.09 -7.06 3.90
CA TRP A 47 10.00 -6.75 5.32
C TRP A 47 11.32 -6.19 5.84
N GLU A 48 12.39 -6.97 5.72
CA GLU A 48 13.71 -6.56 6.18
C GLU A 48 14.04 -5.15 5.68
N LYS A 49 13.31 -4.72 4.65
CA LYS A 49 13.52 -3.40 4.07
C LYS A 49 12.50 -2.40 4.61
N HIS A 50 11.25 -2.84 4.70
CA HIS A 50 10.18 -1.98 5.19
C HIS A 50 10.32 -1.75 6.69
N HIS A 51 10.45 -2.84 7.45
CA HIS A 51 10.60 -2.75 8.90
C HIS A 51 11.55 -1.64 9.28
N HIS A 52 12.41 -1.24 8.34
CA HIS A 52 13.38 -0.18 8.59
C HIS A 52 12.68 1.14 8.87
N ILE A 53 11.35 1.14 8.76
CA ILE A 53 10.56 2.34 9.01
C ILE A 53 9.54 2.10 10.10
N CYS A 54 9.05 0.87 10.19
CA CYS A 54 8.06 0.50 11.19
C CYS A 54 8.67 -0.38 12.27
N SER A 55 8.06 -0.39 13.45
CA SER A 55 8.55 -1.20 14.57
C SER A 55 8.47 -2.68 14.23
N GLY A 56 7.26 -3.19 14.06
CA GLY A 56 7.08 -4.60 13.74
C GLY A 56 6.35 -5.35 14.84
N PRO A 57 5.91 -6.57 14.53
CA PRO A 57 5.20 -7.44 15.48
C PRO A 57 6.11 -7.94 16.60
N SER A 58 6.13 -7.21 17.72
CA SER A 58 6.95 -7.57 18.85
C SER A 58 8.41 -7.78 18.43
N SER A 59 8.92 -6.87 17.61
CA SER A 59 10.28 -6.95 17.12
C SER A 59 11.25 -6.38 18.14
N GLY A 60 11.48 -7.13 19.22
CA GLY A 60 12.39 -6.68 20.26
C GLY A 60 13.84 -6.95 19.91
ZN ZN B . 3.84 -7.28 -4.19
ZN ZN C . 5.25 -2.39 8.79
N GLY A 1 -33.58 38.66 -13.64
CA GLY A 1 -32.97 37.35 -13.80
C GLY A 1 -31.68 37.22 -12.99
N SER A 2 -31.81 36.78 -11.75
CA SER A 2 -30.66 36.61 -10.88
C SER A 2 -30.32 35.13 -10.69
N SER A 3 -29.62 34.57 -11.68
CA SER A 3 -29.24 33.16 -11.62
C SER A 3 -27.75 33.02 -11.35
N GLY A 4 -27.32 31.79 -11.11
CA GLY A 4 -25.91 31.53 -10.83
C GLY A 4 -25.58 30.05 -10.85
N SER A 5 -24.31 29.73 -10.60
CA SER A 5 -23.86 28.34 -10.59
C SER A 5 -22.43 28.24 -10.06
N SER A 6 -22.16 27.18 -9.30
CA SER A 6 -20.84 26.96 -8.73
C SER A 6 -20.33 25.57 -9.07
N GLY A 7 -19.01 25.46 -9.24
CA GLY A 7 -18.42 24.17 -9.56
C GLY A 7 -17.68 23.56 -8.39
N ILE A 8 -18.36 22.74 -7.62
CA ILE A 8 -17.77 22.09 -6.46
C ILE A 8 -17.85 20.57 -6.58
N ASN A 9 -16.73 19.90 -6.28
CA ASN A 9 -16.68 18.45 -6.36
C ASN A 9 -16.27 17.85 -5.01
N GLN A 10 -16.54 16.56 -4.84
CA GLN A 10 -16.21 15.88 -3.60
C GLN A 10 -15.89 14.40 -3.86
N GLN A 11 -14.77 13.93 -3.32
CA GLN A 11 -14.36 12.55 -3.51
C GLN A 11 -13.77 11.98 -2.22
N GLU A 12 -14.31 10.85 -1.78
CA GLU A 12 -13.83 10.21 -0.55
C GLU A 12 -13.70 8.70 -0.75
N ASP A 13 -12.46 8.22 -0.78
CA ASP A 13 -12.21 6.80 -0.96
C ASP A 13 -10.75 6.47 -0.63
N SER A 14 -10.52 5.25 -0.16
CA SER A 14 -9.18 4.80 0.20
C SER A 14 -8.74 3.62 -0.65
N SER A 15 -7.59 3.75 -1.30
CA SER A 15 -7.07 2.68 -2.15
C SER A 15 -6.00 1.89 -1.42
N GLU A 16 -5.72 0.69 -1.93
CA GLU A 16 -4.70 -0.18 -1.32
C GLU A 16 -3.92 -0.93 -2.39
N SER A 17 -2.67 -0.52 -2.60
CA SER A 17 -1.81 -1.14 -3.59
C SER A 17 -0.52 -1.65 -2.95
N CYS A 18 -0.01 -2.76 -3.48
CA CYS A 18 1.22 -3.35 -2.97
C CYS A 18 2.39 -2.37 -3.10
N TRP A 19 3.01 -2.04 -1.96
CA TRP A 19 4.14 -1.12 -1.94
C TRP A 19 5.26 -1.61 -2.85
N ASN A 20 5.51 -2.92 -2.82
CA ASN A 20 6.55 -3.52 -3.63
C ASN A 20 6.21 -3.43 -5.11
N CYS A 21 5.28 -4.26 -5.55
CA CYS A 21 4.86 -4.28 -6.95
C CYS A 21 4.09 -3.00 -7.30
N GLY A 22 2.89 -2.87 -6.78
CA GLY A 22 2.08 -1.70 -7.04
C GLY A 22 0.72 -2.04 -7.63
N ARG A 23 0.68 -3.12 -8.41
CA ARG A 23 -0.56 -3.55 -9.04
C ARG A 23 -1.70 -3.60 -8.02
N LYS A 24 -1.63 -4.54 -7.10
CA LYS A 24 -2.65 -4.69 -6.07
C LYS A 24 -2.06 -5.26 -4.80
N ALA A 25 -2.79 -5.14 -3.69
CA ALA A 25 -2.34 -5.65 -2.41
C ALA A 25 -3.41 -6.51 -1.75
N SER A 26 -3.01 -7.71 -1.33
CA SER A 26 -3.95 -8.64 -0.70
C SER A 26 -3.64 -8.77 0.79
N GLU A 27 -2.37 -8.67 1.14
CA GLU A 27 -1.95 -8.78 2.54
C GLU A 27 -1.53 -7.41 3.08
N THR A 28 -1.02 -7.41 4.31
CA THR A 28 -0.58 -6.16 4.95
C THR A 28 0.46 -6.44 6.03
N CYS A 29 1.44 -5.55 6.14
CA CYS A 29 2.50 -5.70 7.13
C CYS A 29 1.92 -6.06 8.49
N SER A 30 2.31 -7.22 9.01
CA SER A 30 1.83 -7.68 10.30
C SER A 30 2.60 -7.00 11.44
N GLY A 31 2.91 -5.73 11.26
CA GLY A 31 3.64 -4.99 12.28
C GLY A 31 3.08 -3.60 12.50
N CYS A 32 2.73 -2.92 11.41
CA CYS A 32 2.17 -1.58 11.50
C CYS A 32 0.82 -1.50 10.79
N ASN A 33 0.50 -2.54 10.03
CA ASN A 33 -0.76 -2.59 9.30
C ASN A 33 -0.91 -1.37 8.37
N THR A 34 0.22 -0.93 7.83
CA THR A 34 0.21 0.22 6.93
C THR A 34 0.74 -0.16 5.54
N ALA A 35 1.82 -0.93 5.53
CA ALA A 35 2.43 -1.37 4.27
C ALA A 35 1.59 -2.46 3.61
N ARG A 36 1.08 -2.17 2.42
CA ARG A 36 0.26 -3.12 1.69
C ARG A 36 1.13 -4.03 0.81
N TYR A 37 0.69 -5.26 0.63
CA TYR A 37 1.43 -6.22 -0.19
C TYR A 37 0.47 -7.14 -0.95
N CYS A 38 0.92 -7.61 -2.11
CA CYS A 38 0.11 -8.50 -2.93
C CYS A 38 0.09 -9.91 -2.35
N GLY A 39 0.80 -10.10 -1.25
CA GLY A 39 0.85 -11.41 -0.62
C GLY A 39 1.86 -11.47 0.52
N SER A 40 1.61 -12.35 1.48
CA SER A 40 2.51 -12.49 2.62
C SER A 40 3.96 -12.64 2.17
N PHE A 41 4.16 -13.33 1.05
CA PHE A 41 5.50 -13.54 0.50
C PHE A 41 6.15 -12.20 0.16
N CYS A 42 5.43 -11.36 -0.57
CA CYS A 42 5.94 -10.06 -0.97
C CYS A 42 6.29 -9.22 0.26
N GLN A 43 5.72 -9.58 1.40
CA GLN A 43 5.98 -8.86 2.64
C GLN A 43 7.27 -9.35 3.31
N HIS A 44 7.37 -10.66 3.45
CA HIS A 44 8.55 -11.27 4.07
C HIS A 44 9.83 -10.78 3.40
N LYS A 45 9.80 -10.69 2.07
CA LYS A 45 10.95 -10.22 1.31
C LYS A 45 11.10 -8.71 1.41
N ASP A 46 9.97 -8.01 1.44
CA ASP A 46 9.98 -6.55 1.53
C ASP A 46 9.84 -6.11 2.98
N TRP A 47 10.02 -7.03 3.91
CA TRP A 47 9.92 -6.73 5.33
C TRP A 47 11.24 -6.21 5.88
N GLU A 48 12.24 -7.09 5.94
CA GLU A 48 13.55 -6.71 6.45
C GLU A 48 13.93 -5.31 5.99
N LYS A 49 13.37 -4.89 4.86
CA LYS A 49 13.64 -3.57 4.31
C LYS A 49 12.62 -2.56 4.78
N HIS A 50 11.36 -2.97 4.83
CA HIS A 50 10.28 -2.09 5.27
C HIS A 50 10.38 -1.81 6.77
N HIS A 51 10.52 -2.87 7.56
CA HIS A 51 10.63 -2.75 9.01
C HIS A 51 11.59 -1.62 9.37
N HIS A 52 12.46 -1.25 8.43
CA HIS A 52 13.43 -0.19 8.66
C HIS A 52 12.73 1.14 8.91
N ILE A 53 11.40 1.15 8.77
CA ILE A 53 10.62 2.36 8.99
C ILE A 53 9.57 2.15 10.08
N CYS A 54 9.05 0.93 10.16
CA CYS A 54 8.05 0.60 11.16
C CYS A 54 8.64 -0.26 12.28
N SER A 55 7.99 -0.27 13.43
CA SER A 55 8.45 -1.05 14.57
C SER A 55 8.39 -2.55 14.27
N GLY A 56 7.17 -3.05 14.05
CA GLY A 56 7.01 -4.46 13.76
C GLY A 56 6.29 -5.20 14.88
N PRO A 57 5.85 -6.42 14.58
CA PRO A 57 5.14 -7.27 15.56
C PRO A 57 6.05 -7.76 16.68
N SER A 58 5.53 -8.64 17.51
CA SER A 58 6.31 -9.18 18.63
C SER A 58 7.77 -9.31 18.26
N SER A 59 8.65 -9.16 19.26
CA SER A 59 10.09 -9.24 19.03
C SER A 59 10.53 -10.70 18.92
N GLY A 60 9.81 -11.48 18.12
CA GLY A 60 10.14 -12.88 17.93
C GLY A 60 10.61 -13.53 19.21
ZN ZN B . 3.86 -7.23 -4.26
ZN ZN C . 5.31 -2.34 8.75
N GLY A 1 -11.93 23.07 -33.70
CA GLY A 1 -12.76 23.42 -32.56
C GLY A 1 -13.25 22.19 -31.81
N SER A 2 -12.36 21.22 -31.62
CA SER A 2 -12.70 20.00 -30.91
C SER A 2 -12.82 20.26 -29.41
N SER A 3 -14.06 20.34 -28.93
CA SER A 3 -14.31 20.57 -27.51
C SER A 3 -15.68 20.05 -27.11
N GLY A 4 -16.00 20.17 -25.82
CA GLY A 4 -17.28 19.70 -25.32
C GLY A 4 -17.31 19.58 -23.82
N SER A 5 -18.38 20.05 -23.20
CA SER A 5 -18.53 19.99 -21.75
C SER A 5 -19.32 18.75 -21.34
N SER A 6 -18.61 17.70 -20.94
CA SER A 6 -19.24 16.46 -20.52
C SER A 6 -18.34 15.68 -19.58
N GLY A 7 -18.86 15.35 -18.40
CA GLY A 7 -18.09 14.61 -17.42
C GLY A 7 -17.33 15.52 -16.47
N ILE A 8 -16.18 16.00 -16.91
CA ILE A 8 -15.35 16.89 -16.09
C ILE A 8 -15.48 16.54 -14.61
N ASN A 9 -15.27 15.27 -14.29
CA ASN A 9 -15.34 14.81 -12.91
C ASN A 9 -14.93 13.35 -12.79
N GLN A 10 -13.77 13.12 -12.18
CA GLN A 10 -13.25 11.77 -12.00
C GLN A 10 -12.27 11.71 -10.83
N GLN A 11 -12.04 10.50 -10.33
CA GLN A 11 -11.13 10.31 -9.21
C GLN A 11 -10.37 8.99 -9.35
N GLU A 12 -9.05 9.08 -9.45
CA GLU A 12 -8.22 7.90 -9.59
C GLU A 12 -7.08 7.91 -8.58
N ASP A 13 -7.30 7.24 -7.45
CA ASP A 13 -6.29 7.17 -6.39
C ASP A 13 -6.29 5.81 -5.72
N SER A 14 -5.17 5.11 -5.81
CA SER A 14 -5.05 3.78 -5.21
C SER A 14 -4.46 3.87 -3.81
N SER A 15 -4.93 3.00 -2.92
CA SER A 15 -4.46 2.98 -1.54
C SER A 15 -4.14 1.56 -1.10
N GLU A 16 -4.94 0.60 -1.57
CA GLU A 16 -4.75 -0.81 -1.22
C GLU A 16 -3.82 -1.49 -2.22
N SER A 17 -2.90 -0.72 -2.79
CA SER A 17 -1.95 -1.25 -3.76
C SER A 17 -0.68 -1.74 -3.08
N CYS A 18 -0.13 -2.84 -3.58
CA CYS A 18 1.10 -3.41 -3.02
C CYS A 18 2.26 -2.43 -3.12
N TRP A 19 2.84 -2.09 -1.98
CA TRP A 19 3.97 -1.16 -1.95
C TRP A 19 5.12 -1.66 -2.80
N ASN A 20 5.47 -2.94 -2.64
CA ASN A 20 6.55 -3.54 -3.40
C ASN A 20 6.29 -3.44 -4.90
N CYS A 21 5.38 -4.28 -5.40
CA CYS A 21 5.04 -4.29 -6.82
C CYS A 21 4.38 -2.97 -7.22
N GLY A 22 3.14 -2.78 -6.76
CA GLY A 22 2.41 -1.57 -7.09
C GLY A 22 1.10 -1.84 -7.81
N ARG A 23 0.95 -3.07 -8.31
CA ARG A 23 -0.25 -3.46 -9.02
C ARG A 23 -1.44 -3.56 -8.07
N LYS A 24 -1.47 -4.63 -7.28
CA LYS A 24 -2.54 -4.85 -6.33
C LYS A 24 -2.02 -5.44 -5.03
N ALA A 25 -2.72 -5.18 -3.94
CA ALA A 25 -2.32 -5.69 -2.63
C ALA A 25 -3.47 -6.43 -1.95
N SER A 26 -3.14 -7.53 -1.28
CA SER A 26 -4.16 -8.33 -0.59
C SER A 26 -3.81 -8.47 0.89
N GLU A 27 -2.52 -8.48 1.19
CA GLU A 27 -2.06 -8.61 2.57
C GLU A 27 -1.59 -7.27 3.12
N THR A 28 -1.04 -7.29 4.34
CA THR A 28 -0.55 -6.07 4.98
C THR A 28 0.47 -6.39 6.05
N CYS A 29 1.41 -5.47 6.25
CA CYS A 29 2.46 -5.66 7.26
C CYS A 29 1.86 -6.02 8.61
N SER A 30 2.27 -7.16 9.15
CA SER A 30 1.78 -7.63 10.43
C SER A 30 2.53 -6.96 11.58
N GLY A 31 3.00 -5.74 11.34
CA GLY A 31 3.72 -5.00 12.36
C GLY A 31 3.15 -3.62 12.60
N CYS A 32 2.79 -2.93 11.53
CA CYS A 32 2.23 -1.59 11.62
C CYS A 32 0.88 -1.51 10.93
N ASN A 33 0.56 -2.54 10.15
CA ASN A 33 -0.71 -2.59 9.43
C ASN A 33 -0.88 -1.36 8.53
N THR A 34 0.24 -0.88 7.99
CA THR A 34 0.22 0.28 7.12
C THR A 34 0.69 -0.08 5.71
N ALA A 35 1.75 -0.87 5.63
CA ALA A 35 2.29 -1.30 4.35
C ALA A 35 1.47 -2.43 3.75
N ARG A 36 1.08 -2.27 2.49
CA ARG A 36 0.29 -3.29 1.80
C ARG A 36 1.19 -4.18 0.93
N TYR A 37 0.71 -5.39 0.65
CA TYR A 37 1.47 -6.34 -0.16
C TYR A 37 0.53 -7.27 -0.93
N CYS A 38 0.98 -7.72 -2.09
CA CYS A 38 0.18 -8.62 -2.91
C CYS A 38 0.16 -10.03 -2.33
N GLY A 39 0.80 -10.19 -1.17
CA GLY A 39 0.85 -11.49 -0.52
C GLY A 39 1.98 -11.60 0.48
N SER A 40 1.76 -12.34 1.55
CA SER A 40 2.77 -12.52 2.58
C SER A 40 4.15 -12.66 1.96
N PHE A 41 4.26 -13.51 0.95
CA PHE A 41 5.53 -13.72 0.28
C PHE A 41 6.20 -12.40 -0.09
N CYS A 42 5.40 -11.44 -0.57
CA CYS A 42 5.90 -10.14 -0.95
C CYS A 42 6.23 -9.30 0.28
N GLN A 43 5.61 -9.66 1.40
CA GLN A 43 5.84 -8.93 2.66
C GLN A 43 7.16 -9.35 3.30
N HIS A 44 7.34 -10.66 3.46
CA HIS A 44 8.56 -11.19 4.06
C HIS A 44 9.80 -10.66 3.34
N LYS A 45 9.74 -10.64 2.02
CA LYS A 45 10.86 -10.15 1.21
C LYS A 45 10.98 -8.64 1.32
N ASP A 46 9.84 -7.95 1.38
CA ASP A 46 9.82 -6.50 1.49
C ASP A 46 9.71 -6.06 2.95
N TRP A 47 9.91 -7.00 3.86
CA TRP A 47 9.84 -6.72 5.29
C TRP A 47 11.18 -6.18 5.80
N GLU A 48 12.18 -7.06 5.82
CA GLU A 48 13.52 -6.68 6.30
C GLU A 48 13.88 -5.28 5.83
N LYS A 49 13.27 -4.85 4.72
CA LYS A 49 13.52 -3.52 4.17
C LYS A 49 12.51 -2.51 4.70
N HIS A 50 11.25 -2.91 4.75
CA HIS A 50 10.19 -2.04 5.23
C HIS A 50 10.33 -1.78 6.73
N HIS A 51 10.48 -2.85 7.50
CA HIS A 51 10.63 -2.73 8.94
C HIS A 51 11.60 -1.61 9.30
N HIS A 52 12.45 -1.24 8.35
CA HIS A 52 13.42 -0.18 8.57
C HIS A 52 12.72 1.15 8.83
N ILE A 53 11.40 1.15 8.73
CA ILE A 53 10.62 2.36 8.96
C ILE A 53 9.59 2.15 10.08
N CYS A 54 9.08 0.92 10.18
CA CYS A 54 8.10 0.59 11.20
C CYS A 54 8.72 -0.28 12.30
N SER A 55 8.08 -0.31 13.45
CA SER A 55 8.58 -1.10 14.58
C SER A 55 8.51 -2.58 14.27
N GLY A 56 7.29 -3.10 14.08
CA GLY A 56 7.11 -4.50 13.77
C GLY A 56 6.40 -5.24 14.88
N PRO A 57 5.96 -6.47 14.58
CA PRO A 57 5.25 -7.32 15.55
C PRO A 57 6.17 -7.81 16.67
N SER A 58 5.70 -7.72 17.90
CA SER A 58 6.47 -8.15 19.06
C SER A 58 7.32 -9.37 18.72
N SER A 59 8.62 -9.14 18.52
CA SER A 59 9.54 -10.21 18.19
C SER A 59 10.97 -9.85 18.58
N GLY A 60 11.79 -10.87 18.80
CA GLY A 60 13.17 -10.63 19.19
C GLY A 60 14.16 -11.01 18.10
ZN ZN B . 3.83 -7.24 -4.22
ZN ZN C . 5.32 -2.32 8.83
N GLY A 1 -39.11 30.52 -6.07
CA GLY A 1 -38.31 29.80 -7.04
C GLY A 1 -36.96 29.39 -6.47
N SER A 2 -35.90 29.98 -7.02
CA SER A 2 -34.55 29.68 -6.57
C SER A 2 -34.27 28.17 -6.66
N SER A 3 -34.72 27.56 -7.75
CA SER A 3 -34.53 26.13 -7.94
C SER A 3 -33.05 25.76 -7.85
N GLY A 4 -32.78 24.47 -7.70
CA GLY A 4 -31.40 24.00 -7.60
C GLY A 4 -31.15 23.20 -6.33
N SER A 5 -30.21 22.27 -6.41
CA SER A 5 -29.88 21.42 -5.26
C SER A 5 -28.54 20.74 -5.46
N SER A 6 -27.56 21.15 -4.66
CA SER A 6 -26.22 20.59 -4.75
C SER A 6 -25.54 20.59 -3.38
N GLY A 7 -24.40 19.92 -3.29
CA GLY A 7 -23.66 19.85 -2.04
C GLY A 7 -22.18 19.61 -2.25
N ILE A 8 -21.47 19.33 -1.16
CA ILE A 8 -20.04 19.08 -1.22
C ILE A 8 -19.67 17.84 -0.42
N ASN A 9 -18.78 17.02 -0.98
CA ASN A 9 -18.33 15.80 -0.31
C ASN A 9 -16.81 15.65 -0.42
N GLN A 10 -16.24 14.84 0.47
CA GLN A 10 -14.81 14.62 0.47
C GLN A 10 -14.49 13.11 0.37
N GLN A 11 -13.41 12.80 -0.31
CA GLN A 11 -13.01 11.40 -0.49
C GLN A 11 -11.49 11.26 -0.35
N GLU A 12 -11.05 10.04 -0.05
CA GLU A 12 -9.62 9.77 0.11
C GLU A 12 -9.15 8.72 -0.90
N ASP A 13 -10.10 7.93 -1.39
CA ASP A 13 -9.78 6.88 -2.36
C ASP A 13 -8.42 6.25 -2.06
N SER A 14 -8.13 6.06 -0.78
CA SER A 14 -6.86 5.48 -0.36
C SER A 14 -6.42 4.38 -1.33
N SER A 15 -5.14 4.36 -1.65
CA SER A 15 -4.59 3.37 -2.56
C SER A 15 -3.98 2.20 -1.79
N GLU A 16 -4.62 1.04 -1.87
CA GLU A 16 -4.15 -0.15 -1.18
C GLU A 16 -3.28 -1.01 -2.11
N SER A 17 -2.62 -0.36 -3.06
CA SER A 17 -1.77 -1.06 -4.01
C SER A 17 -0.50 -1.56 -3.33
N CYS A 18 -0.08 -2.77 -3.71
CA CYS A 18 1.13 -3.37 -3.14
C CYS A 18 2.31 -2.40 -3.21
N TRP A 19 2.87 -2.06 -2.06
CA TRP A 19 4.00 -1.16 -1.99
C TRP A 19 5.15 -1.65 -2.86
N ASN A 20 5.44 -2.95 -2.78
CA ASN A 20 6.51 -3.55 -3.56
C ASN A 20 6.22 -3.45 -5.06
N CYS A 21 5.29 -4.28 -5.52
CA CYS A 21 4.90 -4.29 -6.93
C CYS A 21 4.18 -3.00 -7.30
N GLY A 22 2.94 -2.88 -6.83
CA GLY A 22 2.14 -1.70 -7.12
C GLY A 22 0.86 -2.02 -7.85
N ARG A 23 0.76 -3.26 -8.32
CA ARG A 23 -0.43 -3.70 -9.04
C ARG A 23 -1.64 -3.81 -8.10
N LYS A 24 -1.55 -4.73 -7.14
CA LYS A 24 -2.62 -4.94 -6.18
C LYS A 24 -2.08 -5.55 -4.89
N ALA A 25 -2.64 -5.12 -3.76
CA ALA A 25 -2.22 -5.64 -2.47
C ALA A 25 -3.36 -6.40 -1.79
N SER A 26 -3.04 -7.60 -1.30
CA SER A 26 -4.03 -8.44 -0.63
C SER A 26 -3.74 -8.53 0.87
N GLU A 27 -2.46 -8.53 1.22
CA GLU A 27 -2.05 -8.63 2.61
C GLU A 27 -1.55 -7.28 3.12
N THR A 28 -1.04 -7.26 4.35
CA THR A 28 -0.54 -6.03 4.95
C THR A 28 0.44 -6.35 6.09
N CYS A 29 1.48 -5.53 6.20
CA CYS A 29 2.48 -5.71 7.24
C CYS A 29 1.83 -6.05 8.58
N SER A 30 2.17 -7.22 9.11
CA SER A 30 1.61 -7.66 10.39
C SER A 30 2.36 -7.03 11.56
N GLY A 31 2.79 -5.79 11.37
CA GLY A 31 3.52 -5.09 12.43
C GLY A 31 3.00 -3.69 12.65
N CYS A 32 2.68 -2.99 11.57
CA CYS A 32 2.17 -1.63 11.65
C CYS A 32 0.84 -1.50 10.92
N ASN A 33 0.52 -2.50 10.11
CA ASN A 33 -0.73 -2.50 9.35
C ASN A 33 -0.82 -1.27 8.45
N THR A 34 0.34 -0.82 7.97
CA THR A 34 0.40 0.35 7.09
C THR A 34 0.88 -0.03 5.70
N ALA A 35 1.90 -0.87 5.64
CA ALA A 35 2.45 -1.32 4.36
C ALA A 35 1.60 -2.44 3.76
N ARG A 36 1.20 -2.25 2.50
CA ARG A 36 0.39 -3.24 1.81
C ARG A 36 1.25 -4.13 0.92
N TYR A 37 0.77 -5.35 0.68
CA TYR A 37 1.51 -6.30 -0.16
C TYR A 37 0.54 -7.22 -0.89
N CYS A 38 0.96 -7.70 -2.06
CA CYS A 38 0.14 -8.60 -2.86
C CYS A 38 0.13 -10.00 -2.25
N GLY A 39 0.79 -10.16 -1.11
CA GLY A 39 0.85 -11.46 -0.46
C GLY A 39 1.99 -11.56 0.54
N SER A 40 1.73 -12.20 1.66
CA SER A 40 2.75 -12.36 2.70
C SER A 40 4.13 -12.50 2.08
N PHE A 41 4.24 -13.38 1.08
CA PHE A 41 5.51 -13.60 0.41
C PHE A 41 6.16 -12.29 0.02
N CYS A 42 5.38 -11.40 -0.59
CA CYS A 42 5.90 -10.10 -1.02
C CYS A 42 6.25 -9.24 0.18
N GLN A 43 5.64 -9.54 1.33
CA GLN A 43 5.89 -8.79 2.55
C GLN A 43 7.20 -9.24 3.20
N HIS A 44 7.28 -10.52 3.53
CA HIS A 44 8.48 -11.07 4.16
C HIS A 44 9.74 -10.63 3.41
N LYS A 45 9.72 -10.75 2.09
CA LYS A 45 10.85 -10.36 1.26
C LYS A 45 11.07 -8.85 1.32
N ASP A 46 9.98 -8.10 1.46
CA ASP A 46 10.06 -6.65 1.53
C ASP A 46 9.91 -6.17 2.97
N TRP A 47 10.09 -7.08 3.91
CA TRP A 47 9.98 -6.75 5.33
C TRP A 47 11.30 -6.21 5.87
N GLU A 48 12.38 -6.94 5.61
CA GLU A 48 13.70 -6.54 6.07
C GLU A 48 14.04 -5.12 5.59
N LYS A 49 13.26 -4.64 4.62
CA LYS A 49 13.48 -3.30 4.07
C LYS A 49 12.46 -2.31 4.63
N HIS A 50 11.21 -2.76 4.73
CA HIS A 50 10.14 -1.92 5.25
C HIS A 50 10.28 -1.73 6.76
N HIS A 51 10.44 -2.83 7.47
CA HIS A 51 10.58 -2.78 8.93
C HIS A 51 11.56 -1.69 9.34
N HIS A 52 12.40 -1.27 8.40
CA HIS A 52 13.39 -0.23 8.67
C HIS A 52 12.70 1.10 8.97
N ILE A 53 11.38 1.11 8.87
CA ILE A 53 10.61 2.32 9.15
C ILE A 53 9.59 2.07 10.25
N CYS A 54 9.07 0.85 10.32
CA CYS A 54 8.08 0.49 11.32
C CYS A 54 8.69 -0.41 12.39
N SER A 55 7.99 -0.56 13.50
CA SER A 55 8.46 -1.41 14.61
C SER A 55 8.41 -2.88 14.22
N GLY A 56 7.19 -3.41 14.11
CA GLY A 56 7.02 -4.81 13.75
C GLY A 56 6.34 -5.60 14.85
N PRO A 57 5.85 -6.80 14.50
CA PRO A 57 5.16 -7.69 15.44
C PRO A 57 6.12 -8.28 16.48
N SER A 58 7.32 -8.62 16.04
CA SER A 58 8.32 -9.20 16.93
C SER A 58 9.67 -9.33 16.22
N SER A 59 10.67 -8.64 16.73
CA SER A 59 12.01 -8.68 16.15
C SER A 59 12.82 -9.83 16.72
N GLY A 60 12.16 -10.98 16.89
CA GLY A 60 12.84 -12.14 17.44
C GLY A 60 13.87 -11.79 18.48
ZN ZN B . 3.79 -7.25 -4.32
ZN ZN C . 5.30 -2.33 8.82
N GLY A 1 -26.20 32.37 -20.78
CA GLY A 1 -25.64 31.22 -20.11
C GLY A 1 -24.64 30.47 -20.97
N SER A 2 -23.50 30.14 -20.39
CA SER A 2 -22.44 29.42 -21.10
C SER A 2 -22.61 27.91 -20.95
N SER A 3 -21.80 27.17 -21.68
CA SER A 3 -21.85 25.71 -21.63
C SER A 3 -21.38 25.18 -20.27
N GLY A 4 -22.27 24.53 -19.56
CA GLY A 4 -21.92 23.99 -18.25
C GLY A 4 -20.97 22.82 -18.34
N SER A 5 -21.02 21.94 -17.34
CA SER A 5 -20.15 20.77 -17.32
C SER A 5 -20.58 19.79 -16.23
N SER A 6 -20.09 18.56 -16.31
CA SER A 6 -20.43 17.53 -15.34
C SER A 6 -19.77 17.82 -13.99
N GLY A 7 -20.58 17.83 -12.94
CA GLY A 7 -20.05 18.09 -11.61
C GLY A 7 -19.73 16.82 -10.85
N ILE A 8 -18.71 16.10 -11.31
CA ILE A 8 -18.29 14.86 -10.67
C ILE A 8 -16.81 14.90 -10.30
N ASN A 9 -16.50 14.60 -9.05
CA ASN A 9 -15.12 14.61 -8.57
C ASN A 9 -14.69 13.19 -8.16
N GLN A 10 -14.24 12.42 -9.15
CA GLN A 10 -13.79 11.05 -8.89
C GLN A 10 -12.53 11.05 -8.04
N GLN A 11 -12.72 11.20 -6.73
CA GLN A 11 -11.60 11.21 -5.79
C GLN A 11 -10.89 9.87 -5.78
N GLU A 12 -9.67 9.85 -5.24
CA GLU A 12 -8.89 8.62 -5.18
C GLU A 12 -7.83 8.71 -4.08
N ASP A 13 -8.07 8.03 -2.97
CA ASP A 13 -7.13 8.03 -1.85
C ASP A 13 -6.79 6.60 -1.43
N SER A 14 -7.81 5.80 -1.17
CA SER A 14 -7.61 4.42 -0.76
C SER A 14 -7.51 3.49 -1.97
N SER A 15 -6.30 3.23 -2.42
CA SER A 15 -6.08 2.36 -3.58
C SER A 15 -5.82 0.93 -3.13
N GLU A 16 -5.09 0.77 -2.03
CA GLU A 16 -4.76 -0.54 -1.50
C GLU A 16 -3.87 -1.31 -2.47
N SER A 17 -2.84 -0.63 -2.98
CA SER A 17 -1.91 -1.24 -3.91
C SER A 17 -0.65 -1.74 -3.19
N CYS A 18 -0.07 -2.81 -3.70
CA CYS A 18 1.14 -3.39 -3.10
C CYS A 18 2.31 -2.41 -3.20
N TRP A 19 2.85 -2.03 -2.05
CA TRP A 19 3.98 -1.11 -1.99
C TRP A 19 5.11 -1.58 -2.91
N ASN A 20 5.44 -2.86 -2.81
CA ASN A 20 6.51 -3.43 -3.61
C ASN A 20 6.17 -3.35 -5.10
N CYS A 21 5.25 -4.20 -5.54
CA CYS A 21 4.84 -4.21 -6.94
C CYS A 21 4.05 -2.96 -7.29
N GLY A 22 2.83 -2.87 -6.78
CA GLY A 22 1.99 -1.71 -7.06
C GLY A 22 0.67 -2.10 -7.68
N ARG A 23 0.66 -3.21 -8.41
CA ARG A 23 -0.55 -3.68 -9.07
C ARG A 23 -1.71 -3.77 -8.09
N LYS A 24 -1.61 -4.70 -7.15
CA LYS A 24 -2.66 -4.89 -6.14
C LYS A 24 -2.08 -5.49 -4.87
N ALA A 25 -2.67 -5.14 -3.73
CA ALA A 25 -2.21 -5.65 -2.44
C ALA A 25 -3.29 -6.49 -1.77
N SER A 26 -2.91 -7.69 -1.34
CA SER A 26 -3.85 -8.61 -0.68
C SER A 26 -3.57 -8.69 0.80
N GLU A 27 -2.28 -8.68 1.17
CA GLU A 27 -1.88 -8.76 2.56
C GLU A 27 -1.39 -7.40 3.06
N THR A 28 -1.08 -7.34 4.36
CA THR A 28 -0.60 -6.10 4.97
C THR A 28 0.39 -6.39 6.09
N CYS A 29 1.37 -5.50 6.24
CA CYS A 29 2.38 -5.65 7.28
C CYS A 29 1.73 -5.95 8.64
N SER A 30 2.04 -7.12 9.18
CA SER A 30 1.49 -7.53 10.47
C SER A 30 2.26 -6.90 11.63
N GLY A 31 2.73 -5.67 11.40
CA GLY A 31 3.49 -4.97 12.43
C GLY A 31 3.00 -3.55 12.64
N CYS A 32 2.67 -2.88 11.54
CA CYS A 32 2.19 -1.50 11.60
C CYS A 32 0.84 -1.37 10.90
N ASN A 33 0.50 -2.35 10.09
CA ASN A 33 -0.76 -2.34 9.37
C ASN A 33 -0.84 -1.14 8.43
N THR A 34 0.30 -0.76 7.85
CA THR A 34 0.35 0.38 6.95
C THR A 34 0.87 -0.04 5.57
N ALA A 35 1.93 -0.84 5.57
CA ALA A 35 2.52 -1.32 4.33
C ALA A 35 1.70 -2.45 3.72
N ARG A 36 1.17 -2.22 2.53
CA ARG A 36 0.36 -3.23 1.84
C ARG A 36 1.22 -4.09 0.92
N TYR A 37 0.77 -5.31 0.68
CA TYR A 37 1.50 -6.24 -0.18
C TYR A 37 0.54 -7.15 -0.94
N CYS A 38 1.00 -7.65 -2.08
CA CYS A 38 0.18 -8.55 -2.89
C CYS A 38 0.11 -9.94 -2.29
N GLY A 39 0.87 -10.15 -1.23
CA GLY A 39 0.89 -11.45 -0.57
C GLY A 39 1.92 -11.52 0.54
N SER A 40 1.70 -12.41 1.50
CA SER A 40 2.60 -12.58 2.62
C SER A 40 4.06 -12.65 2.14
N PHE A 41 4.27 -13.35 1.03
CA PHE A 41 5.61 -13.50 0.47
C PHE A 41 6.22 -12.13 0.17
N CYS A 42 5.54 -11.34 -0.66
CA CYS A 42 6.03 -10.02 -1.02
C CYS A 42 6.35 -9.21 0.22
N GLN A 43 5.66 -9.50 1.32
CA GLN A 43 5.88 -8.79 2.58
C GLN A 43 7.19 -9.24 3.23
N HIS A 44 7.36 -10.55 3.35
CA HIS A 44 8.56 -11.11 3.96
C HIS A 44 9.82 -10.58 3.28
N LYS A 45 9.84 -10.66 1.95
CA LYS A 45 10.98 -10.18 1.18
C LYS A 45 11.12 -8.67 1.28
N ASP A 46 9.99 -7.98 1.35
CA ASP A 46 9.98 -6.52 1.46
C ASP A 46 9.83 -6.08 2.90
N TRP A 47 10.01 -7.02 3.83
CA TRP A 47 9.90 -6.74 5.24
C TRP A 47 11.22 -6.24 5.82
N GLU A 48 12.22 -7.11 5.79
CA GLU A 48 13.55 -6.76 6.31
C GLU A 48 13.93 -5.35 5.89
N LYS A 49 13.35 -4.89 4.79
CA LYS A 49 13.64 -3.55 4.28
C LYS A 49 12.61 -2.54 4.79
N HIS A 50 11.35 -2.94 4.82
CA HIS A 50 10.28 -2.07 5.30
C HIS A 50 10.40 -1.83 6.80
N HIS A 51 10.51 -2.90 7.56
CA HIS A 51 10.63 -2.81 9.01
C HIS A 51 11.60 -1.69 9.40
N HIS A 52 12.48 -1.33 8.47
CA HIS A 52 13.46 -0.28 8.71
C HIS A 52 12.77 1.05 8.99
N ILE A 53 11.45 1.07 8.86
CA ILE A 53 10.67 2.28 9.10
C ILE A 53 9.63 2.05 10.20
N CYS A 54 9.11 0.83 10.27
CA CYS A 54 8.12 0.48 11.26
C CYS A 54 8.70 -0.41 12.34
N SER A 55 8.02 -0.50 13.48
CA SER A 55 8.48 -1.32 14.59
C SER A 55 8.40 -2.80 14.24
N GLY A 56 7.18 -3.30 14.07
CA GLY A 56 7.00 -4.71 13.73
C GLY A 56 6.31 -5.47 14.83
N PRO A 57 5.81 -6.68 14.50
CA PRO A 57 5.12 -7.55 15.46
C PRO A 57 6.06 -8.12 16.50
N SER A 58 6.29 -7.35 17.57
CA SER A 58 7.18 -7.79 18.64
C SER A 58 8.33 -8.62 18.10
N SER A 59 8.90 -8.17 16.98
CA SER A 59 10.01 -8.87 16.35
C SER A 59 11.23 -7.96 16.22
N GLY A 60 11.46 -7.15 17.25
CA GLY A 60 12.59 -6.23 17.22
C GLY A 60 13.91 -6.95 17.46
ZN ZN B . 3.88 -7.23 -4.29
ZN ZN C . 5.31 -2.35 8.79
N GLY A 1 -14.61 37.93 -24.98
CA GLY A 1 -13.85 37.22 -23.96
C GLY A 1 -14.74 36.47 -22.99
N SER A 2 -14.87 35.17 -23.21
CA SER A 2 -15.70 34.32 -22.36
C SER A 2 -14.86 33.60 -21.32
N SER A 3 -15.44 33.34 -20.16
CA SER A 3 -14.75 32.65 -19.08
C SER A 3 -15.30 31.24 -18.88
N GLY A 4 -14.42 30.33 -18.47
CA GLY A 4 -14.83 28.95 -18.26
C GLY A 4 -14.12 28.31 -17.08
N SER A 5 -14.89 28.04 -16.01
CA SER A 5 -14.32 27.44 -14.81
C SER A 5 -15.31 26.44 -14.21
N SER A 6 -14.77 25.41 -13.55
CA SER A 6 -15.60 24.38 -12.93
C SER A 6 -15.13 24.09 -11.51
N GLY A 7 -15.92 23.33 -10.77
CA GLY A 7 -15.57 22.99 -9.41
C GLY A 7 -15.41 21.49 -9.21
N ILE A 8 -14.46 21.11 -8.36
CA ILE A 8 -14.22 19.71 -8.08
C ILE A 8 -14.90 19.27 -6.78
N ASN A 9 -15.73 18.24 -6.88
CA ASN A 9 -16.45 17.73 -5.71
C ASN A 9 -15.49 17.09 -4.72
N GLN A 10 -16.02 16.66 -3.58
CA GLN A 10 -15.21 16.03 -2.54
C GLN A 10 -15.33 14.50 -2.62
N GLN A 11 -14.27 13.86 -3.12
CA GLN A 11 -14.26 12.41 -3.24
C GLN A 11 -13.18 11.80 -2.34
N GLU A 12 -13.11 10.47 -2.33
CA GLU A 12 -12.13 9.77 -1.52
C GLU A 12 -11.29 8.81 -2.37
N ASP A 13 -11.97 8.05 -3.23
CA ASP A 13 -11.30 7.10 -4.10
C ASP A 13 -10.33 6.23 -3.31
N SER A 14 -10.78 5.77 -2.14
CA SER A 14 -9.95 4.93 -1.29
C SER A 14 -9.35 3.77 -2.08
N SER A 15 -8.04 3.59 -1.95
CA SER A 15 -7.34 2.53 -2.66
C SER A 15 -6.09 2.10 -1.90
N GLU A 16 -5.64 0.87 -2.15
CA GLU A 16 -4.44 0.35 -1.49
C GLU A 16 -3.77 -0.71 -2.35
N SER A 17 -2.62 -0.36 -2.92
CA SER A 17 -1.88 -1.28 -3.77
C SER A 17 -0.61 -1.77 -3.07
N CYS A 18 -0.01 -2.83 -3.61
CA CYS A 18 1.20 -3.39 -3.04
C CYS A 18 2.36 -2.41 -3.14
N TRP A 19 2.99 -2.13 -2.01
CA TRP A 19 4.12 -1.20 -1.96
C TRP A 19 5.27 -1.71 -2.82
N ASN A 20 5.48 -3.02 -2.80
CA ASN A 20 6.55 -3.64 -3.58
C ASN A 20 6.25 -3.55 -5.08
N CYS A 21 5.33 -4.40 -5.53
CA CYS A 21 4.95 -4.42 -6.95
C CYS A 21 4.33 -3.09 -7.37
N GLY A 22 3.11 -2.84 -6.89
CA GLY A 22 2.43 -1.60 -7.23
C GLY A 22 1.11 -1.85 -7.95
N ARG A 23 0.81 -3.12 -8.21
CA ARG A 23 -0.43 -3.48 -8.90
C ARG A 23 -1.59 -3.57 -7.91
N LYS A 24 -1.61 -4.65 -7.13
CA LYS A 24 -2.68 -4.86 -6.15
C LYS A 24 -2.11 -5.44 -4.85
N ALA A 25 -2.78 -5.15 -3.75
CA ALA A 25 -2.35 -5.65 -2.44
C ALA A 25 -3.43 -6.49 -1.79
N SER A 26 -3.05 -7.68 -1.33
CA SER A 26 -4.00 -8.59 -0.68
C SER A 26 -3.73 -8.67 0.81
N GLU A 27 -2.46 -8.60 1.19
CA GLU A 27 -2.07 -8.67 2.58
C GLU A 27 -1.58 -7.32 3.09
N THR A 28 -1.19 -7.26 4.36
CA THR A 28 -0.70 -6.03 4.95
C THR A 28 0.29 -6.31 6.08
N CYS A 29 1.28 -5.45 6.23
CA CYS A 29 2.29 -5.60 7.27
C CYS A 29 1.64 -5.91 8.61
N SER A 30 1.91 -7.10 9.13
CA SER A 30 1.34 -7.53 10.42
C SER A 30 2.10 -6.88 11.57
N GLY A 31 2.93 -5.89 11.25
CA GLY A 31 3.69 -5.22 12.28
C GLY A 31 3.17 -3.81 12.55
N CYS A 32 2.75 -3.12 11.50
CA CYS A 32 2.22 -1.76 11.64
C CYS A 32 0.85 -1.65 11.00
N ASN A 33 0.56 -2.54 10.06
CA ASN A 33 -0.72 -2.54 9.37
C ASN A 33 -0.85 -1.32 8.45
N THR A 34 0.28 -0.89 7.90
CA THR A 34 0.30 0.26 7.01
C THR A 34 0.82 -0.12 5.62
N ALA A 35 1.89 -0.91 5.59
CA ALA A 35 2.48 -1.35 4.34
C ALA A 35 1.63 -2.43 3.69
N ARG A 36 1.17 -2.16 2.46
CA ARG A 36 0.34 -3.12 1.73
C ARG A 36 1.21 -4.04 0.88
N TYR A 37 0.73 -5.25 0.66
CA TYR A 37 1.45 -6.23 -0.14
C TYR A 37 0.49 -7.15 -0.88
N CYS A 38 0.92 -7.64 -2.03
CA CYS A 38 0.09 -8.54 -2.84
C CYS A 38 0.05 -9.93 -2.23
N GLY A 39 0.77 -10.11 -1.12
CA GLY A 39 0.81 -11.40 -0.47
C GLY A 39 1.85 -11.46 0.64
N SER A 40 1.64 -12.35 1.60
CA SER A 40 2.56 -12.50 2.73
C SER A 40 3.99 -12.67 2.23
N PHE A 41 4.15 -13.38 1.12
CA PHE A 41 5.46 -13.63 0.55
C PHE A 41 6.14 -12.32 0.14
N CYS A 42 5.37 -11.44 -0.48
CA CYS A 42 5.89 -10.15 -0.92
C CYS A 42 6.27 -9.29 0.27
N GLN A 43 5.72 -9.61 1.44
CA GLN A 43 6.01 -8.86 2.65
C GLN A 43 7.32 -9.32 3.27
N HIS A 44 7.47 -10.63 3.42
CA HIS A 44 8.69 -11.20 4.00
C HIS A 44 9.93 -10.68 3.27
N LYS A 45 9.84 -10.60 1.95
CA LYS A 45 10.96 -10.13 1.14
C LYS A 45 11.09 -8.61 1.25
N ASP A 46 9.97 -7.93 1.37
CA ASP A 46 9.96 -6.47 1.48
C ASP A 46 9.86 -6.04 2.94
N TRP A 47 10.10 -6.97 3.85
CA TRP A 47 10.03 -6.69 5.28
C TRP A 47 11.36 -6.13 5.80
N GLU A 48 12.40 -6.95 5.74
CA GLU A 48 13.72 -6.53 6.20
C GLU A 48 14.04 -5.11 5.72
N LYS A 49 13.36 -4.69 4.66
CA LYS A 49 13.57 -3.36 4.10
C LYS A 49 12.53 -2.37 4.64
N HIS A 50 11.28 -2.81 4.71
CA HIS A 50 10.21 -1.97 5.21
C HIS A 50 10.34 -1.75 6.72
N HIS A 51 10.49 -2.84 7.46
CA HIS A 51 10.63 -2.76 8.92
C HIS A 51 11.58 -1.64 9.31
N HIS A 52 12.42 -1.23 8.37
CA HIS A 52 13.38 -0.15 8.62
C HIS A 52 12.66 1.16 8.91
N ILE A 53 11.34 1.13 8.80
CA ILE A 53 10.54 2.32 9.06
C ILE A 53 9.51 2.08 10.16
N CYS A 54 9.05 0.83 10.25
CA CYS A 54 8.06 0.45 11.26
C CYS A 54 8.70 -0.43 12.33
N SER A 55 8.04 -0.51 13.48
CA SER A 55 8.54 -1.32 14.59
C SER A 55 8.42 -2.80 14.27
N GLY A 56 7.19 -3.25 14.02
CA GLY A 56 6.96 -4.65 13.71
C GLY A 56 6.09 -5.34 14.73
N PRO A 57 5.72 -6.60 14.45
CA PRO A 57 4.87 -7.40 15.35
C PRO A 57 5.60 -7.78 16.63
N SER A 58 6.91 -7.90 16.56
CA SER A 58 7.72 -8.26 17.72
C SER A 58 9.21 -8.20 17.39
N SER A 59 10.04 -8.46 18.39
CA SER A 59 11.49 -8.42 18.22
C SER A 59 12.09 -9.81 18.38
N GLY A 60 11.45 -10.63 19.22
CA GLY A 60 11.94 -11.98 19.44
C GLY A 60 12.00 -12.33 20.92
ZN ZN B . 3.82 -7.27 -4.26
ZN ZN C . 5.34 -2.44 8.78
N GLY A 1 -36.44 19.36 -26.98
CA GLY A 1 -34.99 19.45 -27.02
C GLY A 1 -34.37 19.24 -25.66
N SER A 2 -34.02 17.99 -25.35
CA SER A 2 -33.41 17.67 -24.06
C SER A 2 -31.90 17.55 -24.19
N SER A 3 -31.24 17.32 -23.06
CA SER A 3 -29.79 17.18 -23.04
C SER A 3 -29.36 15.80 -22.56
N GLY A 4 -30.02 15.33 -21.50
CA GLY A 4 -29.70 14.02 -20.96
C GLY A 4 -28.86 14.11 -19.69
N SER A 5 -28.48 12.96 -19.16
CA SER A 5 -27.68 12.90 -17.94
C SER A 5 -26.82 11.63 -17.90
N SER A 6 -25.62 11.76 -17.38
CA SER A 6 -24.71 10.62 -17.28
C SER A 6 -24.71 10.03 -15.88
N GLY A 7 -24.52 10.88 -14.88
CA GLY A 7 -24.52 10.42 -13.50
C GLY A 7 -23.12 10.38 -12.91
N ILE A 8 -23.04 10.09 -11.61
CA ILE A 8 -21.76 10.03 -10.93
C ILE A 8 -21.61 8.71 -10.16
N ASN A 9 -20.40 8.15 -10.21
CA ASN A 9 -20.13 6.89 -9.52
C ASN A 9 -19.33 7.13 -8.25
N GLN A 10 -19.25 6.11 -7.40
CA GLN A 10 -18.52 6.22 -6.14
C GLN A 10 -17.09 5.72 -6.30
N GLN A 11 -16.18 6.29 -5.51
CA GLN A 11 -14.77 5.90 -5.57
C GLN A 11 -14.24 5.56 -4.18
N GLU A 12 -12.99 5.11 -4.12
CA GLU A 12 -12.37 4.75 -2.85
C GLU A 12 -11.23 5.70 -2.51
N ASP A 13 -10.44 6.05 -3.52
CA ASP A 13 -9.30 6.95 -3.33
C ASP A 13 -8.42 6.47 -2.17
N SER A 14 -8.13 5.17 -2.16
CA SER A 14 -7.30 4.60 -1.11
C SER A 14 -6.14 3.80 -1.71
N SER A 15 -4.92 4.21 -1.37
CA SER A 15 -3.73 3.53 -1.89
C SER A 15 -3.51 2.20 -1.17
N GLU A 16 -4.43 1.27 -1.39
CA GLU A 16 -4.35 -0.05 -0.77
C GLU A 16 -3.63 -1.03 -1.69
N SER A 17 -2.80 -0.50 -2.59
CA SER A 17 -2.06 -1.33 -3.52
C SER A 17 -0.73 -1.79 -2.91
N CYS A 18 -0.18 -2.86 -3.46
CA CYS A 18 1.08 -3.40 -2.98
C CYS A 18 2.20 -2.38 -3.09
N TRP A 19 2.91 -2.16 -1.99
CA TRP A 19 4.01 -1.19 -1.97
C TRP A 19 5.16 -1.67 -2.83
N ASN A 20 5.42 -2.98 -2.80
CA ASN A 20 6.50 -3.55 -3.59
C ASN A 20 6.20 -3.47 -5.08
N CYS A 21 5.30 -4.34 -5.55
CA CYS A 21 4.92 -4.35 -6.96
C CYS A 21 4.23 -3.05 -7.35
N GLY A 22 3.01 -2.88 -6.87
CA GLY A 22 2.24 -1.69 -7.18
C GLY A 22 0.89 -2.00 -7.81
N ARG A 23 0.79 -3.17 -8.42
CA ARG A 23 -0.44 -3.59 -9.06
C ARG A 23 -1.59 -3.65 -8.06
N LYS A 24 -1.57 -4.67 -7.21
CA LYS A 24 -2.61 -4.84 -6.20
C LYS A 24 -2.02 -5.40 -4.90
N ALA A 25 -2.73 -5.20 -3.80
CA ALA A 25 -2.27 -5.68 -2.50
C ALA A 25 -3.35 -6.52 -1.83
N SER A 26 -2.97 -7.71 -1.37
CA SER A 26 -3.92 -8.61 -0.70
C SER A 26 -3.60 -8.71 0.78
N GLU A 27 -2.32 -8.67 1.12
CA GLU A 27 -1.89 -8.76 2.50
C GLU A 27 -1.42 -7.41 3.02
N THR A 28 -1.18 -7.33 4.32
CA THR A 28 -0.72 -6.09 4.95
C THR A 28 0.29 -6.37 6.06
N CYS A 29 1.25 -5.47 6.21
CA CYS A 29 2.28 -5.61 7.23
C CYS A 29 1.66 -5.94 8.58
N SER A 30 2.01 -7.10 9.12
CA SER A 30 1.48 -7.53 10.42
C SER A 30 2.27 -6.90 11.57
N GLY A 31 2.80 -5.71 11.32
CA GLY A 31 3.57 -5.02 12.34
C GLY A 31 3.06 -3.61 12.59
N CYS A 32 2.71 -2.91 11.52
CA CYS A 32 2.21 -1.55 11.62
C CYS A 32 0.84 -1.40 10.95
N ASN A 33 0.49 -2.39 10.12
CA ASN A 33 -0.78 -2.37 9.42
C ASN A 33 -0.88 -1.16 8.51
N THR A 34 0.24 -0.75 7.93
CA THR A 34 0.27 0.40 7.04
C THR A 34 0.77 0.01 5.65
N ALA A 35 1.83 -0.79 5.60
CA ALA A 35 2.41 -1.24 4.34
C ALA A 35 1.58 -2.36 3.73
N ARG A 36 1.15 -2.16 2.49
CA ARG A 36 0.34 -3.16 1.80
C ARG A 36 1.22 -4.06 0.94
N TYR A 37 0.71 -5.25 0.62
CA TYR A 37 1.45 -6.21 -0.19
C TYR A 37 0.50 -7.11 -0.97
N CYS A 38 0.99 -7.69 -2.06
CA CYS A 38 0.19 -8.58 -2.88
C CYS A 38 0.15 -9.99 -2.30
N GLY A 39 0.84 -10.17 -1.18
CA GLY A 39 0.87 -11.47 -0.53
C GLY A 39 1.95 -11.56 0.54
N SER A 40 1.68 -12.30 1.60
CA SER A 40 2.63 -12.47 2.70
C SER A 40 4.05 -12.63 2.16
N PHE A 41 4.17 -13.36 1.05
CA PHE A 41 5.47 -13.60 0.44
C PHE A 41 6.14 -12.29 0.06
N CYS A 42 5.38 -11.41 -0.59
CA CYS A 42 5.88 -10.11 -1.02
C CYS A 42 6.29 -9.26 0.18
N GLN A 43 5.71 -9.56 1.33
CA GLN A 43 6.01 -8.83 2.56
C GLN A 43 7.32 -9.30 3.17
N HIS A 44 7.45 -10.61 3.33
CA HIS A 44 8.67 -11.19 3.91
C HIS A 44 9.91 -10.63 3.23
N LYS A 45 9.87 -10.56 1.90
CA LYS A 45 10.99 -10.05 1.13
C LYS A 45 11.10 -8.54 1.25
N ASP A 46 9.95 -7.88 1.40
CA ASP A 46 9.91 -6.43 1.54
C ASP A 46 9.81 -6.02 3.00
N TRP A 47 10.06 -6.97 3.89
CA TRP A 47 10.00 -6.71 5.33
C TRP A 47 11.33 -6.19 5.84
N GLU A 48 12.34 -7.05 5.85
CA GLU A 48 13.67 -6.68 6.34
C GLU A 48 14.03 -5.27 5.86
N LYS A 49 13.41 -4.84 4.77
CA LYS A 49 13.66 -3.51 4.22
C LYS A 49 12.63 -2.51 4.73
N HIS A 50 11.37 -2.93 4.78
CA HIS A 50 10.29 -2.07 5.24
C HIS A 50 10.39 -1.83 6.75
N HIS A 51 10.51 -2.91 7.51
CA HIS A 51 10.62 -2.82 8.96
C HIS A 51 11.59 -1.71 9.37
N HIS A 52 12.47 -1.35 8.44
CA HIS A 52 13.46 -0.30 8.71
C HIS A 52 12.77 1.03 8.98
N ILE A 53 11.45 1.05 8.83
CA ILE A 53 10.67 2.27 9.07
C ILE A 53 9.62 2.04 10.14
N CYS A 54 9.10 0.82 10.22
CA CYS A 54 8.09 0.48 11.20
C CYS A 54 8.67 -0.43 12.28
N SER A 55 8.02 -0.43 13.45
CA SER A 55 8.47 -1.25 14.57
C SER A 55 8.40 -2.74 14.22
N GLY A 56 7.17 -3.23 14.04
CA GLY A 56 6.99 -4.63 13.71
C GLY A 56 6.26 -5.38 14.81
N PRO A 57 5.80 -6.60 14.49
CA PRO A 57 5.08 -7.46 15.44
C PRO A 57 5.99 -7.98 16.55
N SER A 58 5.39 -8.64 17.53
CA SER A 58 6.15 -9.19 18.65
C SER A 58 5.98 -10.70 18.74
N SER A 59 6.05 -11.36 17.58
CA SER A 59 5.90 -12.81 17.51
C SER A 59 7.01 -13.51 18.30
N GLY A 60 6.62 -14.39 19.20
CA GLY A 60 7.60 -15.11 20.00
C GLY A 60 7.94 -14.39 21.29
ZN ZN B . 3.82 -7.16 -4.32
ZN ZN C . 5.25 -2.37 8.77
N GLY A 1 -13.72 37.32 -16.46
CA GLY A 1 -14.68 36.39 -17.03
C GLY A 1 -14.94 35.20 -16.13
N SER A 2 -15.65 34.21 -16.66
CA SER A 2 -15.97 33.00 -15.89
C SER A 2 -15.55 31.75 -16.64
N SER A 3 -14.36 31.80 -17.23
CA SER A 3 -13.84 30.67 -17.99
C SER A 3 -14.22 29.35 -17.33
N GLY A 4 -13.78 29.17 -16.08
CA GLY A 4 -14.09 27.95 -15.36
C GLY A 4 -13.37 26.75 -15.93
N SER A 5 -14.10 25.67 -16.15
CA SER A 5 -13.53 24.44 -16.69
C SER A 5 -12.22 24.11 -15.99
N SER A 6 -12.19 24.29 -14.67
CA SER A 6 -11.00 24.01 -13.89
C SER A 6 -11.35 23.17 -12.66
N GLY A 7 -12.21 22.18 -12.84
CA GLY A 7 -12.60 21.32 -11.74
C GLY A 7 -11.61 20.20 -11.48
N ILE A 8 -11.34 19.92 -10.22
CA ILE A 8 -10.41 18.87 -9.85
C ILE A 8 -11.07 17.85 -8.92
N ASN A 9 -11.20 16.62 -9.40
CA ASN A 9 -11.82 15.56 -8.62
C ASN A 9 -10.78 14.52 -8.20
N GLN A 10 -10.53 14.42 -6.91
CA GLN A 10 -9.56 13.47 -6.37
C GLN A 10 -10.23 12.14 -6.04
N GLN A 11 -10.22 11.23 -7.00
CA GLN A 11 -10.83 9.91 -6.80
C GLN A 11 -9.84 8.94 -6.18
N GLU A 12 -9.79 8.93 -4.85
CA GLU A 12 -8.89 8.05 -4.12
C GLU A 12 -9.23 8.02 -2.64
N ASP A 13 -9.56 6.83 -2.13
CA ASP A 13 -9.90 6.66 -0.72
C ASP A 13 -10.04 5.19 -0.36
N SER A 14 -9.45 4.81 0.77
CA SER A 14 -9.50 3.42 1.23
C SER A 14 -8.99 2.48 0.15
N SER A 15 -7.86 2.84 -0.45
CA SER A 15 -7.26 2.03 -1.50
C SER A 15 -6.23 1.07 -0.93
N GLU A 16 -5.77 0.13 -1.76
CA GLU A 16 -4.77 -0.84 -1.32
C GLU A 16 -3.88 -1.26 -2.49
N SER A 17 -2.65 -0.77 -2.50
CA SER A 17 -1.70 -1.09 -3.56
C SER A 17 -0.39 -1.60 -2.99
N CYS A 18 0.03 -2.77 -3.45
CA CYS A 18 1.28 -3.37 -2.97
C CYS A 18 2.45 -2.39 -3.12
N TRP A 19 3.08 -2.08 -2.00
CA TRP A 19 4.21 -1.15 -2.00
C TRP A 19 5.33 -1.67 -2.90
N ASN A 20 5.53 -2.98 -2.91
CA ASN A 20 6.56 -3.60 -3.72
C ASN A 20 6.22 -3.50 -5.21
N CYS A 21 5.26 -4.32 -5.65
CA CYS A 21 4.83 -4.33 -7.03
C CYS A 21 4.08 -3.05 -7.38
N GLY A 22 2.87 -2.91 -6.84
CA GLY A 22 2.07 -1.74 -7.10
C GLY A 22 0.71 -2.07 -7.69
N ARG A 23 0.65 -3.21 -8.39
CA ARG A 23 -0.59 -3.65 -9.01
C ARG A 23 -1.73 -3.68 -8.00
N LYS A 24 -1.67 -4.63 -7.08
CA LYS A 24 -2.69 -4.77 -6.05
C LYS A 24 -2.11 -5.39 -4.78
N ALA A 25 -2.76 -5.13 -3.65
CA ALA A 25 -2.30 -5.66 -2.38
C ALA A 25 -3.39 -6.50 -1.71
N SER A 26 -3.03 -7.73 -1.33
CA SER A 26 -3.98 -8.63 -0.69
C SER A 26 -3.71 -8.72 0.81
N GLU A 27 -2.44 -8.64 1.18
CA GLU A 27 -2.05 -8.71 2.59
C GLU A 27 -1.58 -7.36 3.09
N THR A 28 -1.10 -7.34 4.34
CA THR A 28 -0.61 -6.10 4.95
C THR A 28 0.36 -6.40 6.08
N CYS A 29 1.40 -5.57 6.18
CA CYS A 29 2.41 -5.73 7.22
C CYS A 29 1.76 -6.04 8.57
N SER A 30 2.05 -7.22 9.11
CA SER A 30 1.49 -7.63 10.39
C SER A 30 2.26 -7.00 11.55
N GLY A 31 2.73 -5.78 11.34
CA GLY A 31 3.48 -5.08 12.37
C GLY A 31 2.99 -3.66 12.60
N CYS A 32 2.65 -2.98 11.51
CA CYS A 32 2.17 -1.61 11.59
C CYS A 32 0.82 -1.46 10.88
N ASN A 33 0.48 -2.45 10.05
CA ASN A 33 -0.77 -2.43 9.31
C ASN A 33 -0.84 -1.20 8.41
N THR A 34 0.30 -0.81 7.84
CA THR A 34 0.36 0.34 6.95
C THR A 34 0.86 -0.05 5.57
N ALA A 35 1.92 -0.85 5.53
CA ALA A 35 2.48 -1.31 4.27
C ALA A 35 1.64 -2.41 3.65
N ARG A 36 1.18 -2.17 2.42
CA ARG A 36 0.35 -3.15 1.72
C ARG A 36 1.21 -4.05 0.84
N TYR A 37 0.73 -5.27 0.59
CA TYR A 37 1.45 -6.23 -0.23
C TYR A 37 0.48 -7.14 -0.97
N CYS A 38 0.92 -7.65 -2.12
CA CYS A 38 0.09 -8.54 -2.92
C CYS A 38 0.07 -9.94 -2.33
N GLY A 39 0.83 -10.14 -1.26
CA GLY A 39 0.89 -11.44 -0.62
C GLY A 39 1.96 -11.51 0.46
N SER A 40 1.65 -12.20 1.56
CA SER A 40 2.58 -12.33 2.66
C SER A 40 4.01 -12.52 2.15
N PHE A 41 4.15 -13.30 1.08
CA PHE A 41 5.46 -13.55 0.49
C PHE A 41 6.14 -12.26 0.09
N CYS A 42 5.40 -11.39 -0.58
CA CYS A 42 5.92 -10.10 -1.02
C CYS A 42 6.32 -9.23 0.17
N GLN A 43 5.71 -9.50 1.32
CA GLN A 43 5.99 -8.75 2.53
C GLN A 43 7.28 -9.23 3.18
N HIS A 44 7.33 -10.52 3.52
CA HIS A 44 8.51 -11.11 4.14
C HIS A 44 9.78 -10.63 3.46
N LYS A 45 9.79 -10.65 2.13
CA LYS A 45 10.94 -10.22 1.36
C LYS A 45 11.14 -8.71 1.47
N ASP A 46 10.03 -7.97 1.44
CA ASP A 46 10.09 -6.52 1.54
C ASP A 46 9.98 -6.07 3.00
N TRP A 47 10.15 -7.01 3.92
CA TRP A 47 10.06 -6.72 5.34
C TRP A 47 11.39 -6.16 5.86
N GLU A 48 12.43 -6.99 5.80
CA GLU A 48 13.76 -6.57 6.27
C GLU A 48 14.08 -5.16 5.80
N LYS A 49 13.41 -4.73 4.73
CA LYS A 49 13.63 -3.40 4.17
C LYS A 49 12.59 -2.42 4.70
N HIS A 50 11.35 -2.86 4.75
CA HIS A 50 10.25 -2.02 5.24
C HIS A 50 10.37 -1.79 6.74
N HIS A 51 10.50 -2.87 7.50
CA HIS A 51 10.62 -2.79 8.95
C HIS A 51 11.57 -1.67 9.34
N HIS A 52 12.45 -1.28 8.42
CA HIS A 52 13.41 -0.21 8.67
C HIS A 52 12.69 1.11 8.94
N ILE A 53 11.37 1.10 8.82
CA ILE A 53 10.58 2.30 9.05
C ILE A 53 9.54 2.07 10.14
N CYS A 54 9.05 0.83 10.23
CA CYS A 54 8.05 0.48 11.23
C CYS A 54 8.66 -0.42 12.31
N SER A 55 7.93 -0.58 13.41
CA SER A 55 8.40 -1.40 14.52
C SER A 55 8.35 -2.88 14.16
N GLY A 56 7.14 -3.41 14.02
CA GLY A 56 6.97 -4.82 13.68
C GLY A 56 6.29 -5.61 14.78
N PRO A 57 5.80 -6.80 14.44
CA PRO A 57 5.11 -7.68 15.38
C PRO A 57 6.06 -8.26 16.43
N SER A 58 5.52 -9.07 17.33
CA SER A 58 6.31 -9.69 18.38
C SER A 58 7.58 -10.32 17.81
N SER A 59 8.71 -10.03 18.45
CA SER A 59 9.99 -10.55 17.99
C SER A 59 10.52 -11.60 18.97
N GLY A 60 10.05 -12.83 18.80
CA GLY A 60 10.49 -13.91 19.68
C GLY A 60 11.69 -14.66 19.12
ZN ZN B . 3.83 -7.28 -4.33
ZN ZN C . 5.29 -2.42 8.79
#